data_5TOW
#
_entry.id   5TOW
#
_cell.length_a   120.381
_cell.length_b   105.509
_cell.length_c   85.535
_cell.angle_alpha   90.00
_cell.angle_beta   108.76
_cell.angle_gamma   90.00
#
_symmetry.space_group_name_H-M   'C 1 2 1'
#
loop_
_entity.id
_entity.type
_entity.pdbx_description
1 polymer Adenosylhomocysteinase
2 non-polymer ADENOSINE
3 non-polymer (4S)-2-METHYL-2,4-PENTANEDIOL
4 non-polymer '1,4-DIHYDRONICOTINAMIDE ADENINE DINUCLEOTIDE'
5 non-polymer 'CHLORIDE ION'
6 water water
#
_entity_poly.entity_id   1
_entity_poly.type   'polypeptide(L)'
_entity_poly.pdbx_seq_one_letter_code
;SNAMNTGEMKINWVSRYMPLLNKIAEEYSREKPLSGFTVGMSIHLEAKTAYLAITLSKLGAKVVITGSNPLSTQDDVAEA
LRSKGITVYARRTHDESIYRENLMKVLDERPDFIIDDGGDLTVISHTEREEVLENLKGVSEETTTGVRRLKALEETGKLR
VPVIAVNDSKMKYLFDNRYGTGQSTWDAIMRNTNLLVAGKNVVVAGYGWCGRGIALRAAGLGARVIVTEVDPVKAVEAIM
DGFTVMPMKEAVKIADFVITASGNTDVLSKEDILSLKDGAVLANAGHFNVEIPVRVLEEIAVEKFEARPNVTGYTLENGK
TVFLLAEGRLVNLAAGDGHPVEIMDLSFALQIFAVLYLLENHRKMSPKVYMLPDEIDERVARMKLDSLGVKIDELTEKQR
RYLRSWQ
;
_entity_poly.pdbx_strand_id   A,B
#
loop_
_chem_comp.id
_chem_comp.type
_chem_comp.name
_chem_comp.formula
ADN non-polymer ADENOSINE 'C10 H13 N5 O4'
CL non-polymer 'CHLORIDE ION' 'Cl -1'
MPD non-polymer (4S)-2-METHYL-2,4-PENTANEDIOL 'C6 H14 O2'
NAI non-polymer '1,4-DIHYDRONICOTINAMIDE ADENINE DINUCLEOTIDE' 'C21 H29 N7 O14 P2'
#
# COMPACT_ATOMS: atom_id res chain seq x y z
N ASN A 5 -4.03 -8.23 28.02
CA ASN A 5 -5.26 -7.50 27.60
C ASN A 5 -5.05 -6.89 26.20
N THR A 6 -6.00 -7.07 25.28
CA THR A 6 -5.82 -6.61 23.90
C THR A 6 -5.76 -5.10 23.81
N GLY A 7 -6.56 -4.38 24.63
CA GLY A 7 -6.47 -2.93 24.70
C GLY A 7 -5.13 -2.44 25.17
N GLU A 8 -4.61 -3.11 26.19
CA GLU A 8 -3.34 -2.74 26.77
C GLU A 8 -2.23 -3.00 25.74
N MET A 9 -2.34 -4.12 25.06
CA MET A 9 -1.32 -4.46 24.00
C MET A 9 -1.30 -3.40 22.86
N LYS A 10 -2.48 -2.96 22.42
CA LYS A 10 -2.58 -1.86 21.41
C LYS A 10 -1.90 -0.60 21.84
N ILE A 11 -2.12 -0.19 23.09
CA ILE A 11 -1.46 0.94 23.65
C ILE A 11 0.03 0.75 23.81
N ASN A 12 0.43 -0.45 24.22
CA ASN A 12 1.86 -0.75 24.38
C ASN A 12 2.61 -0.63 23.04
N TRP A 13 1.95 -1.07 21.98
CA TRP A 13 2.57 -0.98 20.64
C TRP A 13 2.86 0.48 20.27
N VAL A 14 1.85 1.34 20.34
CA VAL A 14 2.04 2.74 19.97
C VAL A 14 3.01 3.47 20.92
N SER A 15 3.00 3.08 22.18
CA SER A 15 3.88 3.66 23.18
C SER A 15 5.36 3.51 22.81
N ARG A 16 5.69 2.46 22.09
CA ARG A 16 7.05 2.22 21.69
C ARG A 16 7.51 3.22 20.62
N TYR A 17 6.55 3.80 19.89
CA TYR A 17 6.84 4.56 18.67
C TYR A 17 6.30 5.96 18.70
N MET A 18 6.15 6.52 19.90
CA MET A 18 5.71 7.89 20.09
C MET A 18 6.76 8.58 20.96
N PRO A 19 7.90 8.86 20.36
CA PRO A 19 9.05 9.38 21.08
C PRO A 19 8.81 10.79 21.61
N LEU A 20 8.05 11.63 20.93
CA LEU A 20 7.82 12.97 21.46
C LEU A 20 6.92 12.95 22.67
N LEU A 21 5.84 12.18 22.63
CA LEU A 21 5.02 12.05 23.86
C LEU A 21 5.80 11.43 25.01
N ASN A 22 6.68 10.49 24.73
CA ASN A 22 7.52 9.92 25.77
C ASN A 22 8.46 10.95 26.34
N LYS A 23 9.02 11.79 25.48
CA LYS A 23 9.91 12.86 25.95
CA LYS A 23 9.92 12.86 25.96
C LYS A 23 9.16 13.92 26.78
N ILE A 24 7.98 14.30 26.32
CA ILE A 24 7.11 15.22 27.08
C ILE A 24 6.79 14.65 28.48
N ALA A 25 6.48 13.36 28.56
CA ALA A 25 6.28 12.75 29.88
C ALA A 25 7.58 12.80 30.73
N GLU A 26 8.73 12.50 30.13
CA GLU A 26 9.99 12.55 30.85
CA GLU A 26 10.01 12.54 30.83
C GLU A 26 10.23 13.94 31.38
N GLU A 27 9.91 14.97 30.56
CA GLU A 27 10.20 16.35 30.98
CA GLU A 27 10.15 16.38 30.93
C GLU A 27 9.19 16.90 32.01
N TYR A 28 7.94 16.50 31.95
CA TYR A 28 6.87 17.14 32.71
C TYR A 28 6.10 16.33 33.73
N SER A 29 6.35 15.02 33.79
CA SER A 29 5.50 14.17 34.61
C SER A 29 5.82 14.29 36.12
N ARG A 30 6.99 14.82 36.48
CA ARG A 30 7.24 15.18 37.92
C ARG A 30 6.65 16.55 38.30
N GLU A 31 6.80 17.53 37.43
CA GLU A 31 6.20 18.86 37.65
C GLU A 31 4.69 18.82 37.66
N LYS A 32 4.09 17.99 36.79
CA LYS A 32 2.64 17.84 36.71
C LYS A 32 1.92 19.15 36.54
N PRO A 33 2.29 19.89 35.47
CA PRO A 33 1.71 21.23 35.28
C PRO A 33 0.22 21.28 35.17
N LEU A 34 -0.42 20.19 34.75
CA LEU A 34 -1.88 20.16 34.62
C LEU A 34 -2.62 19.53 35.86
N SER A 35 -1.88 19.27 36.93
CA SER A 35 -2.52 18.84 38.17
C SER A 35 -3.48 19.90 38.66
N GLY A 36 -4.70 19.47 38.99
CA GLY A 36 -5.75 20.32 39.39
C GLY A 36 -6.57 20.87 38.25
N PHE A 37 -6.24 20.49 37.03
CA PHE A 37 -6.97 20.92 35.83
C PHE A 37 -7.64 19.71 35.19
N THR A 38 -8.77 19.97 34.54
CA THR A 38 -9.45 18.95 33.75
C THR A 38 -9.37 19.32 32.27
N VAL A 39 -9.05 18.32 31.47
CA VAL A 39 -8.95 18.47 30.04
C VAL A 39 -10.08 17.62 29.44
N GLY A 40 -11.00 18.26 28.73
CA GLY A 40 -12.11 17.61 28.03
C GLY A 40 -11.68 17.42 26.58
N MET A 41 -11.96 16.22 26.03
CA MET A 41 -11.53 15.91 24.64
C MET A 41 -12.64 15.29 23.86
N SER A 42 -12.73 15.61 22.56
CA SER A 42 -13.57 14.84 21.67
C SER A 42 -12.56 14.40 20.62
N ILE A 43 -12.45 13.10 20.42
CA ILE A 43 -11.47 12.61 19.45
CA ILE A 43 -11.40 12.47 19.57
C ILE A 43 -11.93 11.21 18.98
N HIS A 44 -11.40 10.76 17.86
CA HIS A 44 -11.68 9.39 17.49
C HIS A 44 -10.85 8.50 18.39
N LEU A 45 -11.50 7.58 19.12
CA LEU A 45 -10.78 6.78 20.13
C LEU A 45 -10.09 5.57 19.53
N GLU A 46 -8.77 5.52 19.63
CA GLU A 46 -7.97 4.40 19.19
C GLU A 46 -6.67 4.42 19.99
N ALA A 47 -5.77 3.47 19.76
CA ALA A 47 -4.57 3.43 20.65
C ALA A 47 -3.76 4.70 20.60
N LYS A 48 -3.64 5.34 19.42
CA LYS A 48 -2.84 6.55 19.34
C LYS A 48 -3.41 7.70 20.14
N THR A 49 -4.69 8.01 19.94
CA THR A 49 -5.34 9.05 20.74
C THR A 49 -5.40 8.68 22.25
N ALA A 50 -5.52 7.39 22.56
CA ALA A 50 -5.43 6.94 23.95
C ALA A 50 -4.10 7.39 24.59
N TYR A 51 -3.03 7.31 23.81
CA TYR A 51 -1.72 7.64 24.32
C TYR A 51 -1.58 9.12 24.54
N LEU A 52 -2.25 9.95 23.73
CA LEU A 52 -2.33 11.37 24.03
C LEU A 52 -3.03 11.60 25.40
N ALA A 53 -4.17 10.94 25.60
CA ALA A 53 -4.89 11.04 26.89
C ALA A 53 -4.01 10.62 28.07
N ILE A 54 -3.33 9.49 27.91
CA ILE A 54 -2.42 8.95 28.93
C ILE A 54 -1.32 9.96 29.24
N THR A 55 -0.78 10.58 28.21
CA THR A 55 0.31 11.54 28.39
C THR A 55 -0.22 12.76 29.20
N LEU A 56 -1.40 13.24 28.86
CA LEU A 56 -1.98 14.38 29.55
C LEU A 56 -2.21 14.03 31.03
N SER A 57 -2.62 12.80 31.28
CA SER A 57 -2.77 12.27 32.65
C SER A 57 -1.44 12.18 33.43
N LYS A 58 -0.38 11.78 32.76
CA LYS A 58 0.97 11.76 33.36
C LYS A 58 1.41 13.18 33.73
N LEU A 59 0.93 14.15 32.96
CA LEU A 59 1.18 15.58 33.25
C LEU A 59 0.24 16.15 34.32
N GLY A 60 -0.61 15.32 34.93
CA GLY A 60 -1.46 15.69 36.03
C GLY A 60 -2.90 15.94 35.74
N ALA A 61 -3.28 16.00 34.46
CA ALA A 61 -4.65 16.36 34.10
C ALA A 61 -5.63 15.25 34.47
N LYS A 62 -6.83 15.66 34.88
CA LYS A 62 -8.00 14.78 34.86
CA LYS A 62 -7.99 14.77 34.86
C LYS A 62 -8.46 14.82 33.42
N VAL A 63 -8.52 13.66 32.76
CA VAL A 63 -8.88 13.63 31.34
C VAL A 63 -10.25 12.98 31.16
N VAL A 64 -11.13 13.68 30.39
CA VAL A 64 -12.47 13.23 30.17
C VAL A 64 -12.68 13.28 28.66
N ILE A 65 -12.99 12.13 28.09
CA ILE A 65 -13.00 11.94 26.62
C ILE A 65 -14.34 11.43 26.13
N THR A 66 -14.79 12.03 25.02
CA THR A 66 -15.85 11.47 24.16
CA THR A 66 -15.79 11.35 24.20
C THR A 66 -15.18 10.96 22.87
N GLY A 67 -15.54 9.74 22.47
CA GLY A 67 -15.07 9.16 21.27
C GLY A 67 -16.21 9.16 20.29
N SER A 68 -15.97 9.82 19.17
CA SER A 68 -16.77 9.60 17.95
C SER A 68 -16.32 8.24 17.40
N ASN A 69 -17.06 7.16 17.69
CA ASN A 69 -16.72 5.76 17.33
C ASN A 69 -17.94 4.95 16.90
N PRO A 70 -18.37 5.07 15.62
CA PRO A 70 -19.48 4.25 15.05
C PRO A 70 -19.38 2.68 15.01
N LEU A 71 -18.20 2.10 15.30
CA LEU A 71 -18.08 0.62 15.57
C LEU A 71 -17.59 0.34 17.01
N SER A 72 -17.74 -0.91 17.47
CA SER A 72 -17.25 -1.34 18.81
C SER A 72 -15.74 -1.73 18.87
N THR A 73 -14.99 -1.48 17.78
CA THR A 73 -13.69 -2.13 17.54
C THR A 73 -12.58 -1.73 18.53
N GLN A 74 -12.73 -0.52 19.08
CA GLN A 74 -11.77 0.04 20.03
C GLN A 74 -12.31 0.11 21.46
N ASP A 75 -13.33 -0.68 21.76
CA ASP A 75 -13.82 -0.84 23.12
C ASP A 75 -12.75 -1.36 24.05
N ASP A 76 -11.86 -2.25 23.56
CA ASP A 76 -10.76 -2.70 24.43
C ASP A 76 -9.83 -1.56 24.85
N VAL A 77 -9.59 -0.62 23.92
CA VAL A 77 -8.79 0.56 24.23
C VAL A 77 -9.50 1.46 25.27
N ALA A 78 -10.81 1.70 25.06
CA ALA A 78 -11.61 2.43 26.06
C ALA A 78 -11.49 1.83 27.46
N GLU A 79 -11.59 0.50 27.56
CA GLU A 79 -11.55 -0.19 28.84
C GLU A 79 -10.18 -0.09 29.48
N ALA A 80 -9.10 -0.19 28.67
CA ALA A 80 -7.76 0.05 29.20
C ALA A 80 -7.61 1.48 29.72
N LEU A 81 -8.12 2.50 29.01
CA LEU A 81 -8.07 3.86 29.56
C LEU A 81 -8.82 4.00 30.88
N ARG A 82 -10.01 3.42 30.98
CA ARG A 82 -10.77 3.49 32.23
CA ARG A 82 -10.80 3.45 32.23
C ARG A 82 -9.97 2.90 33.40
N SER A 83 -9.18 1.84 33.15
CA SER A 83 -8.32 1.21 34.19
C SER A 83 -7.20 2.14 34.70
N LYS A 84 -6.87 3.16 33.91
CA LYS A 84 -5.85 4.15 34.23
CA LYS A 84 -5.85 4.14 34.21
C LYS A 84 -6.41 5.44 34.84
N GLY A 85 -7.68 5.42 35.19
CA GLY A 85 -8.39 6.56 35.79
C GLY A 85 -8.84 7.62 34.81
N ILE A 86 -8.81 7.31 33.51
CA ILE A 86 -9.26 8.30 32.50
C ILE A 86 -10.75 8.05 32.19
N THR A 87 -11.56 9.09 32.13
CA THR A 87 -12.98 8.93 31.99
C THR A 87 -13.28 8.92 30.47
N VAL A 88 -13.97 7.87 30.02
CA VAL A 88 -14.21 7.65 28.58
C VAL A 88 -15.67 7.39 28.30
N TYR A 89 -16.27 8.20 27.41
CA TYR A 89 -17.66 8.03 27.05
C TYR A 89 -17.64 7.75 25.55
N ALA A 90 -17.61 6.48 25.16
CA ALA A 90 -17.45 6.13 23.73
C ALA A 90 -18.38 5.08 23.19
N ARG A 91 -19.13 4.39 24.04
CA ARG A 91 -19.97 3.28 23.54
C ARG A 91 -21.22 3.81 22.85
N ARG A 92 -21.73 3.03 21.89
CA ARG A 92 -22.98 3.37 21.22
C ARG A 92 -22.95 4.74 20.44
N THR A 93 -21.73 5.29 20.19
CA THR A 93 -21.61 6.62 19.55
C THR A 93 -21.94 6.64 18.01
N HIS A 94 -22.29 5.48 17.42
CA HIS A 94 -22.93 5.39 16.08
C HIS A 94 -24.24 6.19 15.98
N ASP A 95 -24.93 6.33 17.11
CA ASP A 95 -26.14 7.16 17.22
C ASP A 95 -25.71 8.62 17.49
N GLU A 96 -26.27 9.54 16.70
CA GLU A 96 -25.89 10.95 16.76
C GLU A 96 -26.33 11.61 18.09
N SER A 97 -27.49 11.22 18.62
CA SER A 97 -27.99 11.79 19.87
C SER A 97 -27.14 11.32 21.06
N ILE A 98 -26.54 10.14 20.94
CA ILE A 98 -25.62 9.63 21.98
C ILE A 98 -24.26 10.28 21.93
N TYR A 99 -23.75 10.56 20.73
CA TYR A 99 -22.56 11.39 20.63
C TYR A 99 -22.79 12.74 21.32
N ARG A 100 -23.92 13.39 21.01
CA ARG A 100 -24.17 14.70 21.64
CA ARG A 100 -24.25 14.68 21.62
C ARG A 100 -24.30 14.56 23.16
N GLU A 101 -24.97 13.53 23.64
CA GLU A 101 -25.08 13.32 25.11
C GLU A 101 -23.71 13.11 25.73
N ASN A 102 -22.82 12.38 25.04
CA ASN A 102 -21.47 12.21 25.54
C ASN A 102 -20.68 13.49 25.58
N LEU A 103 -20.87 14.36 24.58
CA LEU A 103 -20.29 15.71 24.64
C LEU A 103 -20.84 16.43 25.87
N MET A 104 -22.12 16.31 26.12
CA MET A 104 -22.73 16.98 27.33
C MET A 104 -22.12 16.48 28.65
N LYS A 105 -21.77 15.19 28.66
CA LYS A 105 -21.14 14.54 29.80
C LYS A 105 -19.71 15.07 30.00
N VAL A 106 -18.95 15.31 28.92
CA VAL A 106 -17.66 15.92 29.08
C VAL A 106 -17.83 17.32 29.73
N LEU A 107 -18.77 18.10 29.22
CA LEU A 107 -19.01 19.46 29.71
C LEU A 107 -19.54 19.49 31.15
N ASP A 108 -20.24 18.42 31.57
CA ASP A 108 -20.63 18.23 32.99
C ASP A 108 -19.40 18.27 33.93
N GLU A 109 -18.24 17.90 33.40
CA GLU A 109 -17.00 17.86 34.20
C GLU A 109 -16.29 19.20 34.30
N ARG A 110 -16.92 20.22 33.73
CA ARG A 110 -16.41 21.58 33.74
C ARG A 110 -14.94 21.63 33.39
N PRO A 111 -14.61 21.29 32.15
CA PRO A 111 -13.21 21.30 31.76
C PRO A 111 -12.57 22.70 31.78
N ASP A 112 -11.33 22.73 32.24
CA ASP A 112 -10.45 23.91 32.16
C ASP A 112 -9.92 24.18 30.74
N PHE A 113 -9.60 23.10 30.02
CA PHE A 113 -9.08 23.18 28.64
C PHE A 113 -9.83 22.14 27.82
N ILE A 114 -10.11 22.50 26.57
CA ILE A 114 -10.74 21.51 25.67
C ILE A 114 -9.84 21.24 24.48
N ILE A 115 -9.74 19.96 24.14
CA ILE A 115 -9.13 19.53 22.83
C ILE A 115 -10.33 19.12 22.00
N ASP A 116 -10.72 19.97 21.05
CA ASP A 116 -12.01 19.81 20.42
C ASP A 116 -11.93 19.03 19.11
N ASP A 117 -13.08 18.63 18.59
CA ASP A 117 -13.16 18.02 17.26
C ASP A 117 -14.26 18.75 16.52
N GLY A 118 -13.91 19.44 15.44
CA GLY A 118 -14.92 20.18 14.70
C GLY A 118 -15.52 21.36 15.43
N GLY A 119 -14.94 21.75 16.57
CA GLY A 119 -15.49 22.85 17.35
C GLY A 119 -16.74 22.47 18.16
N ASP A 120 -17.06 21.18 18.24
CA ASP A 120 -18.36 20.71 18.80
C ASP A 120 -18.52 21.08 20.25
N LEU A 121 -17.53 20.74 21.08
CA LEU A 121 -17.60 21.04 22.52
C LEU A 121 -17.66 22.55 22.74
N THR A 122 -16.87 23.26 21.95
CA THR A 122 -16.76 24.71 22.12
C THR A 122 -18.06 25.42 21.74
N VAL A 123 -18.67 25.01 20.63
CA VAL A 123 -19.91 25.64 20.19
C VAL A 123 -21.04 25.35 21.15
N ILE A 124 -21.12 24.09 21.62
CA ILE A 124 -22.10 23.75 22.66
C ILE A 124 -21.87 24.61 23.92
N SER A 125 -20.62 24.74 24.35
CA SER A 125 -20.30 25.56 25.52
C SER A 125 -20.78 27.03 25.39
N HIS A 126 -20.77 27.57 24.18
CA HIS A 126 -21.20 28.97 23.90
C HIS A 126 -22.67 29.18 23.63
N THR A 127 -23.41 28.10 23.40
CA THR A 127 -24.81 28.19 22.97
C THR A 127 -25.76 27.57 23.99
N GLU A 128 -25.49 26.33 24.41
CA GLU A 128 -26.41 25.62 25.33
C GLU A 128 -25.86 25.37 26.72
N ARG A 129 -24.56 25.45 26.90
CA ARG A 129 -23.91 25.09 28.16
C ARG A 129 -23.02 26.22 28.64
N GLU A 130 -23.54 27.45 28.62
CA GLU A 130 -22.74 28.65 28.98
C GLU A 130 -22.12 28.67 30.38
N GLU A 131 -22.64 27.87 31.28
CA GLU A 131 -22.10 27.77 32.64
C GLU A 131 -20.68 27.22 32.67
N VAL A 132 -20.29 26.49 31.62
CA VAL A 132 -18.94 25.93 31.56
C VAL A 132 -17.94 27.02 31.21
N LEU A 133 -18.41 28.13 30.62
CA LEU A 133 -17.50 29.23 30.24
C LEU A 133 -16.74 29.87 31.41
N GLU A 134 -17.37 29.92 32.57
CA GLU A 134 -16.72 30.35 33.82
C GLU A 134 -15.36 29.66 33.96
N ASN A 135 -15.36 28.32 34.01
CA ASN A 135 -14.14 27.58 34.27
C ASN A 135 -13.25 27.31 33.04
N LEU A 136 -13.81 27.43 31.86
CA LEU A 136 -13.08 27.13 30.60
C LEU A 136 -12.05 28.23 30.30
N LYS A 137 -10.78 27.83 30.21
CA LYS A 137 -9.65 28.74 30.07
C LYS A 137 -9.05 28.84 28.65
N GLY A 138 -9.21 27.78 27.88
CA GLY A 138 -8.70 27.75 26.52
C GLY A 138 -9.09 26.48 25.78
N VAL A 139 -9.06 26.61 24.45
CA VAL A 139 -9.40 25.53 23.53
C VAL A 139 -8.28 25.35 22.53
N SER A 140 -7.91 24.09 22.30
CA SER A 140 -7.01 23.70 21.24
C SER A 140 -7.82 23.02 20.14
N GLU A 141 -7.71 23.51 18.91
CA GLU A 141 -8.44 22.96 17.77
C GLU A 141 -7.49 22.64 16.61
N GLU A 142 -7.45 21.35 16.29
CA GLU A 142 -6.56 20.85 15.26
C GLU A 142 -7.29 20.62 13.95
N THR A 143 -8.63 20.58 13.92
CA THR A 143 -9.33 20.27 12.67
C THR A 143 -9.59 21.53 11.86
N THR A 144 -9.45 21.42 10.55
CA THR A 144 -9.76 22.52 9.66
C THR A 144 -11.23 22.93 9.79
N THR A 145 -12.14 21.98 10.00
CA THR A 145 -13.58 22.33 10.10
C THR A 145 -13.82 23.07 11.42
N GLY A 146 -13.17 22.58 12.45
CA GLY A 146 -13.23 23.21 13.73
C GLY A 146 -12.71 24.63 13.76
N VAL A 147 -11.58 24.87 13.12
CA VAL A 147 -11.01 26.22 13.14
C VAL A 147 -11.94 27.15 12.37
N ARG A 148 -12.52 26.71 11.26
CA ARG A 148 -13.49 27.51 10.51
C ARG A 148 -14.67 27.92 11.39
N ARG A 149 -15.26 26.95 12.09
CA ARG A 149 -16.42 27.20 12.94
C ARG A 149 -16.10 28.14 14.07
N LEU A 150 -14.93 28.00 14.67
CA LEU A 150 -14.58 28.85 15.78
C LEU A 150 -14.19 30.26 15.34
N LYS A 151 -13.62 30.39 14.15
CA LYS A 151 -13.39 31.70 13.52
C LYS A 151 -14.71 32.38 13.21
N ALA A 152 -15.68 31.62 12.68
CA ALA A 152 -17.00 32.18 12.42
C ALA A 152 -17.64 32.60 13.73
N LEU A 153 -17.50 31.80 14.79
CA LEU A 153 -17.98 32.21 16.13
C LEU A 153 -17.33 33.54 16.58
N GLU A 154 -16.01 33.69 16.36
CA GLU A 154 -15.27 34.91 16.67
C GLU A 154 -15.89 36.11 15.94
N GLU A 155 -16.11 35.91 14.64
CA GLU A 155 -16.65 36.94 13.74
C GLU A 155 -18.03 37.47 14.09
N THR A 156 -18.84 36.67 14.79
CA THR A 156 -20.13 37.14 15.34
C THR A 156 -19.96 37.91 16.68
N GLY A 157 -18.76 37.94 17.25
CA GLY A 157 -18.54 38.58 18.55
C GLY A 157 -19.01 37.75 19.74
N LYS A 158 -19.29 36.45 19.52
CA LYS A 158 -19.79 35.53 20.56
C LYS A 158 -18.71 34.62 21.23
N LEU A 159 -17.51 34.58 20.68
CA LEU A 159 -16.44 33.78 21.31
C LEU A 159 -16.01 34.42 22.66
N ARG A 160 -15.88 33.58 23.68
CA ARG A 160 -15.61 33.99 25.05
C ARG A 160 -14.30 33.46 25.64
N VAL A 161 -13.56 32.60 24.90
CA VAL A 161 -12.32 32.01 25.38
C VAL A 161 -11.27 32.03 24.26
N PRO A 162 -9.97 32.06 24.63
CA PRO A 162 -8.91 31.96 23.65
C PRO A 162 -8.91 30.55 23.01
N VAL A 163 -8.65 30.53 21.72
CA VAL A 163 -8.56 29.31 20.93
C VAL A 163 -7.25 29.31 20.19
N ILE A 164 -6.57 28.17 20.21
CA ILE A 164 -5.39 28.00 19.37
C ILE A 164 -5.73 27.01 18.22
N ALA A 165 -5.52 27.51 17.01
CA ALA A 165 -5.59 26.72 15.78
C ALA A 165 -4.24 26.06 15.65
N VAL A 166 -4.21 24.78 15.94
CA VAL A 166 -3.00 24.00 15.94
C VAL A 166 -2.48 23.84 14.51
N ASN A 167 -3.35 23.86 13.52
CA ASN A 167 -2.88 24.38 12.20
C ASN A 167 -1.69 23.56 11.65
N ASP A 168 -1.73 22.24 11.92
CA ASP A 168 -0.67 21.29 11.46
C ASP A 168 -1.14 20.40 10.29
N SER A 169 -2.26 20.74 9.66
CA SER A 169 -2.73 20.02 8.49
C SER A 169 -1.69 20.08 7.34
N LYS A 170 -0.89 21.16 7.25
CA LYS A 170 0.23 21.24 6.29
C LYS A 170 1.13 20.00 6.44
N MET A 171 1.32 19.27 5.35
CA MET A 171 1.81 17.89 5.32
C MET A 171 1.95 17.39 3.88
N ARG A 178 7.61 13.86 -1.82
N ARG A 178 7.36 14.41 -2.07
CA ARG A 178 8.82 13.71 -2.63
CA ARG A 178 8.64 13.93 -2.60
C ARG A 178 8.50 13.88 -4.14
C ARG A 178 8.55 13.78 -4.13
N TYR A 179 7.46 13.18 -4.60
CA TYR A 179 7.04 13.24 -6.00
C TYR A 179 5.91 14.28 -6.21
N GLY A 180 5.77 15.23 -5.26
CA GLY A 180 4.76 16.29 -5.32
C GLY A 180 3.40 15.93 -4.73
N THR A 181 2.42 16.79 -4.95
CA THR A 181 1.08 16.65 -4.36
C THR A 181 0.21 15.52 -4.90
N GLY A 182 0.54 15.08 -6.10
CA GLY A 182 -0.10 14.03 -6.85
C GLY A 182 0.27 12.63 -6.46
N GLN A 183 1.31 12.49 -5.64
CA GLN A 183 1.77 11.17 -5.24
CA GLN A 183 1.78 11.17 -5.22
C GLN A 183 0.70 10.44 -4.42
N SER A 184 0.11 11.13 -3.45
CA SER A 184 -0.94 10.54 -2.61
CA SER A 184 -0.92 10.52 -2.60
C SER A 184 -2.19 10.15 -3.40
N THR A 185 -2.56 10.99 -4.35
CA THR A 185 -3.70 10.71 -5.19
C THR A 185 -3.53 9.41 -5.97
N TRP A 186 -2.39 9.28 -6.63
CA TRP A 186 -2.14 8.08 -7.46
C TRP A 186 -1.95 6.84 -6.59
N ASP A 187 -1.32 7.00 -5.43
CA ASP A 187 -1.21 5.85 -4.50
C ASP A 187 -2.59 5.30 -4.12
N ALA A 188 -3.54 6.20 -3.91
CA ALA A 188 -4.90 5.81 -3.56
C ALA A 188 -5.64 5.18 -4.72
N ILE A 189 -5.50 5.79 -5.89
CA ILE A 189 -6.11 5.21 -7.11
C ILE A 189 -5.58 3.80 -7.40
N MET A 190 -4.25 3.61 -7.31
CA MET A 190 -3.66 2.29 -7.48
C MET A 190 -4.11 1.26 -6.45
N ARG A 191 -4.17 1.67 -5.17
CA ARG A 191 -4.57 0.80 -4.12
C ARG A 191 -6.01 0.37 -4.32
N ASN A 192 -6.87 1.30 -4.72
CA ASN A 192 -8.29 0.99 -4.78
CA ASN A 192 -8.31 1.11 -4.87
C ASN A 192 -8.71 0.24 -6.04
N THR A 193 -7.92 0.32 -7.09
CA THR A 193 -8.26 -0.32 -8.39
C THR A 193 -7.38 -1.50 -8.75
N ASN A 194 -6.14 -1.53 -8.21
CA ASN A 194 -5.16 -2.52 -8.61
C ASN A 194 -4.90 -2.45 -10.12
N LEU A 195 -5.14 -1.31 -10.75
CA LEU A 195 -4.87 -1.18 -12.17
C LEU A 195 -3.53 -0.49 -12.43
N LEU A 196 -2.94 -0.85 -13.57
CA LEU A 196 -1.73 -0.22 -14.08
C LEU A 196 -1.99 1.22 -14.51
N VAL A 197 -1.07 2.14 -14.23
CA VAL A 197 -1.14 3.50 -14.71
C VAL A 197 -0.25 3.65 -15.96
N ALA A 198 0.87 2.92 -16.00
CA ALA A 198 1.79 3.02 -17.15
C ALA A 198 1.04 2.64 -18.43
N GLY A 199 1.28 3.39 -19.49
CA GLY A 199 0.71 3.03 -20.79
C GLY A 199 -0.80 3.32 -20.93
N LYS A 200 -1.36 4.08 -19.99
CA LYS A 200 -2.79 4.42 -20.01
C LYS A 200 -2.90 5.88 -20.41
N ASN A 201 -4.07 6.24 -20.91
CA ASN A 201 -4.47 7.63 -21.12
C ASN A 201 -5.15 8.23 -19.90
N VAL A 202 -4.51 9.24 -19.30
CA VAL A 202 -5.02 9.87 -18.13
C VAL A 202 -5.45 11.29 -18.50
N VAL A 203 -6.68 11.60 -18.19
CA VAL A 203 -7.19 12.94 -18.36
C VAL A 203 -7.30 13.64 -17.04
N VAL A 204 -6.69 14.82 -16.94
CA VAL A 204 -6.74 15.65 -15.74
C VAL A 204 -7.49 16.96 -16.04
N ALA A 205 -8.60 17.20 -15.33
CA ALA A 205 -9.41 18.38 -15.55
C ALA A 205 -9.00 19.45 -14.55
N GLY A 206 -8.34 20.49 -15.06
CA GLY A 206 -7.80 21.57 -14.24
C GLY A 206 -6.33 21.48 -14.03
N TYR A 207 -5.67 22.62 -14.20
CA TYR A 207 -4.20 22.65 -14.12
C TYR A 207 -3.73 23.77 -13.21
N GLY A 208 -4.39 23.91 -12.05
CA GLY A 208 -3.85 24.61 -10.92
C GLY A 208 -2.82 23.72 -10.26
N TRP A 209 -2.41 24.08 -9.04
CA TRP A 209 -1.39 23.29 -8.31
C TRP A 209 -1.77 21.82 -8.15
N CYS A 210 -3.06 21.56 -7.88
CA CYS A 210 -3.54 20.19 -7.67
C CYS A 210 -3.49 19.35 -8.93
N GLY A 211 -4.17 19.83 -9.98
CA GLY A 211 -4.13 19.17 -11.27
C GLY A 211 -2.75 19.00 -11.87
N ARG A 212 -1.90 20.02 -11.74
CA ARG A 212 -0.55 19.90 -12.23
C ARG A 212 0.19 18.80 -11.52
N GLY A 213 0.11 18.78 -10.19
CA GLY A 213 0.71 17.65 -9.48
C GLY A 213 0.26 16.28 -9.88
N ILE A 214 -1.04 16.14 -10.10
CA ILE A 214 -1.64 14.89 -10.52
C ILE A 214 -1.13 14.52 -11.92
N ALA A 215 -1.05 15.51 -12.80
CA ALA A 215 -0.59 15.25 -14.17
C ALA A 215 0.86 14.83 -14.16
N LEU A 216 1.69 15.58 -13.46
CA LEU A 216 3.13 15.27 -13.40
C LEU A 216 3.35 13.89 -12.85
N ARG A 217 2.67 13.53 -11.75
CA ARG A 217 2.85 12.18 -11.18
C ARG A 217 2.39 11.07 -12.16
N ALA A 218 1.26 11.27 -12.80
CA ALA A 218 0.75 10.33 -13.80
C ALA A 218 1.84 10.09 -14.89
N ALA A 219 2.45 11.18 -15.37
CA ALA A 219 3.47 11.08 -16.43
C ALA A 219 4.66 10.33 -15.85
N GLY A 220 5.04 10.61 -14.60
CA GLY A 220 6.10 9.83 -13.95
C GLY A 220 5.84 8.35 -13.76
N LEU A 221 4.57 7.99 -13.66
CA LEU A 221 4.12 6.59 -13.59
C LEU A 221 4.02 5.93 -14.96
N GLY A 222 4.24 6.70 -16.02
CA GLY A 222 4.22 6.17 -17.40
C GLY A 222 2.96 6.38 -18.19
N ALA A 223 2.02 7.18 -17.69
CA ALA A 223 0.78 7.49 -18.41
C ALA A 223 1.02 8.57 -19.47
N ARG A 224 0.20 8.53 -20.52
CA ARG A 224 0.06 9.63 -21.45
CA ARG A 224 0.05 9.65 -21.45
C ARG A 224 -0.98 10.56 -20.89
N VAL A 225 -0.62 11.81 -20.66
CA VAL A 225 -1.48 12.76 -19.96
C VAL A 225 -2.11 13.80 -20.88
N ILE A 226 -3.42 13.92 -20.76
CA ILE A 226 -4.19 14.95 -21.42
C ILE A 226 -4.77 15.86 -20.33
N VAL A 227 -4.71 17.18 -20.54
CA VAL A 227 -5.22 18.15 -19.59
C VAL A 227 -6.35 18.91 -20.23
N THR A 228 -7.43 19.14 -19.48
CA THR A 228 -8.46 20.04 -19.90
C THR A 228 -8.45 21.27 -19.01
N GLU A 229 -8.85 22.40 -19.58
CA GLU A 229 -8.79 23.67 -18.89
C GLU A 229 -9.79 24.61 -19.52
N VAL A 230 -10.12 25.65 -18.77
CA VAL A 230 -10.85 26.77 -19.28
C VAL A 230 -10.02 28.06 -19.30
N ASP A 231 -8.85 28.05 -18.70
CA ASP A 231 -7.98 29.25 -18.59
C ASP A 231 -6.85 29.09 -19.61
N PRO A 232 -6.83 29.92 -20.67
CA PRO A 232 -5.74 29.81 -21.68
C PRO A 232 -4.31 29.84 -21.11
N VAL A 233 -4.09 30.67 -20.09
CA VAL A 233 -2.76 30.73 -19.46
C VAL A 233 -2.35 29.37 -18.88
N LYS A 234 -3.29 28.75 -18.18
CA LYS A 234 -3.03 27.42 -17.64
C LYS A 234 -2.88 26.36 -18.72
N ALA A 235 -3.68 26.46 -19.76
CA ALA A 235 -3.53 25.56 -20.85
C ALA A 235 -2.13 25.63 -21.51
N VAL A 236 -1.61 26.84 -21.68
CA VAL A 236 -0.25 26.98 -22.20
C VAL A 236 0.78 26.33 -21.29
N GLU A 237 0.62 26.49 -19.98
CA GLU A 237 1.50 25.86 -19.02
C GLU A 237 1.50 24.38 -19.19
N ALA A 238 0.34 23.75 -19.38
CA ALA A 238 0.26 22.31 -19.51
C ALA A 238 0.96 21.83 -20.79
N ILE A 239 0.77 22.58 -21.88
CA ILE A 239 1.46 22.32 -23.13
C ILE A 239 2.97 22.38 -22.93
N MET A 240 3.48 23.41 -22.25
CA MET A 240 4.92 23.55 -22.07
C MET A 240 5.53 22.52 -21.10
N ASP A 241 4.68 21.91 -20.27
CA ASP A 241 5.07 20.74 -19.44
C ASP A 241 5.06 19.40 -20.20
N GLY A 242 4.59 19.41 -21.44
CA GLY A 242 4.61 18.27 -22.33
C GLY A 242 3.32 17.50 -22.39
N PHE A 243 2.23 18.11 -21.95
CA PHE A 243 0.93 17.43 -22.01
C PHE A 243 0.11 17.87 -23.18
N THR A 244 -0.85 17.02 -23.59
CA THR A 244 -1.77 17.34 -24.64
C THR A 244 -2.97 18.05 -24.00
N VAL A 245 -3.44 19.13 -24.62
CA VAL A 245 -4.59 19.86 -24.17
C VAL A 245 -5.66 19.76 -25.22
N MET A 246 -6.87 19.41 -24.81
CA MET A 246 -8.00 19.35 -25.71
C MET A 246 -9.29 19.49 -24.89
N PRO A 247 -10.41 19.76 -25.57
CA PRO A 247 -11.65 19.83 -24.82
C PRO A 247 -12.06 18.48 -24.20
N MET A 248 -12.75 18.56 -23.08
CA MET A 248 -13.17 17.33 -22.41
C MET A 248 -13.98 16.39 -23.31
N LYS A 249 -14.81 16.97 -24.20
CA LYS A 249 -15.61 16.20 -25.12
C LYS A 249 -14.79 15.26 -25.97
N GLU A 250 -13.58 15.67 -26.32
CA GLU A 250 -12.65 14.85 -27.09
C GLU A 250 -11.86 13.93 -26.19
N ALA A 251 -11.42 14.46 -25.05
CA ALA A 251 -10.56 13.71 -24.13
C ALA A 251 -11.25 12.43 -23.60
N VAL A 252 -12.55 12.53 -23.30
CA VAL A 252 -13.28 11.37 -22.71
C VAL A 252 -13.30 10.17 -23.65
N LYS A 253 -13.19 10.42 -24.97
CA LYS A 253 -13.21 9.34 -25.96
C LYS A 253 -12.03 8.37 -25.86
N ILE A 254 -10.91 8.82 -25.30
CA ILE A 254 -9.73 7.97 -25.19
C ILE A 254 -9.30 7.71 -23.75
N ALA A 255 -9.99 8.30 -22.79
CA ALA A 255 -9.52 8.28 -21.41
C ALA A 255 -9.64 6.89 -20.77
N ASP A 256 -8.59 6.43 -20.11
CA ASP A 256 -8.67 5.29 -19.18
C ASP A 256 -9.01 5.75 -17.74
N PHE A 257 -8.48 6.92 -17.39
CA PHE A 257 -8.78 7.55 -16.11
C PHE A 257 -9.18 8.98 -16.38
N VAL A 258 -10.15 9.47 -15.64
CA VAL A 258 -10.47 10.92 -15.66
C VAL A 258 -10.43 11.38 -14.22
N ILE A 259 -9.55 12.34 -13.93
CA ILE A 259 -9.36 12.87 -12.58
C ILE A 259 -9.73 14.33 -12.61
N THR A 260 -10.74 14.72 -11.85
CA THR A 260 -11.18 16.11 -11.77
C THR A 260 -10.43 16.84 -10.67
N ALA A 261 -9.82 17.99 -11.03
CA ALA A 261 -9.05 18.82 -10.10
C ALA A 261 -9.36 20.31 -10.35
N SER A 262 -10.64 20.66 -10.51
CA SER A 262 -11.05 21.98 -11.04
C SER A 262 -11.61 22.98 -10.05
N GLY A 263 -12.12 22.48 -8.93
CA GLY A 263 -12.88 23.33 -8.02
C GLY A 263 -14.21 23.83 -8.59
N ASN A 264 -14.72 23.15 -9.61
CA ASN A 264 -15.92 23.54 -10.36
C ASN A 264 -17.04 22.47 -10.24
N THR A 265 -18.17 22.72 -10.89
CA THR A 265 -19.30 21.78 -10.96
C THR A 265 -19.44 21.19 -12.36
N ASP A 266 -19.92 19.94 -12.43
CA ASP A 266 -20.31 19.29 -13.71
C ASP A 266 -19.17 19.39 -14.74
N VAL A 267 -18.00 18.99 -14.27
CA VAL A 267 -16.83 18.96 -15.12
C VAL A 267 -17.02 17.93 -16.22
N LEU A 268 -17.83 16.89 -15.96
CA LEU A 268 -18.32 15.98 -17.01
C LEU A 268 -19.83 16.20 -17.20
N SER A 269 -20.26 16.34 -18.45
CA SER A 269 -21.69 16.34 -18.79
C SER A 269 -22.21 14.93 -19.05
N LYS A 270 -23.53 14.81 -19.26
CA LYS A 270 -24.17 13.54 -19.67
C LYS A 270 -23.58 13.00 -20.99
N GLU A 271 -23.36 13.90 -21.95
CA GLU A 271 -22.79 13.55 -23.27
C GLU A 271 -21.35 13.06 -23.13
N ASP A 272 -20.59 13.72 -22.25
CA ASP A 272 -19.22 13.34 -21.94
C ASP A 272 -19.20 11.91 -21.35
N ILE A 273 -20.10 11.64 -20.41
CA ILE A 273 -20.14 10.32 -19.74
C ILE A 273 -20.49 9.23 -20.74
N LEU A 274 -21.47 9.49 -21.61
CA LEU A 274 -21.85 8.53 -22.66
C LEU A 274 -20.81 8.25 -23.77
N SER A 275 -19.80 9.12 -23.86
CA SER A 275 -18.63 8.94 -24.72
C SER A 275 -17.47 8.20 -24.04
N LEU A 276 -17.51 8.01 -22.71
CA LEU A 276 -16.42 7.25 -22.04
C LEU A 276 -16.28 5.85 -22.60
N LYS A 277 -15.04 5.34 -22.62
CA LYS A 277 -14.81 3.91 -22.92
C LYS A 277 -15.40 3.01 -21.85
N ASP A 278 -15.82 1.80 -22.22
CA ASP A 278 -16.18 0.75 -21.26
C ASP A 278 -14.98 0.53 -20.31
N GLY A 279 -15.23 0.56 -19.01
CA GLY A 279 -14.15 0.39 -18.06
C GLY A 279 -13.40 1.63 -17.60
N ALA A 280 -13.71 2.84 -18.10
CA ALA A 280 -13.09 4.04 -17.60
C ALA A 280 -13.27 4.23 -16.10
N VAL A 281 -12.25 4.80 -15.47
CA VAL A 281 -12.21 5.04 -14.05
C VAL A 281 -12.24 6.55 -13.81
N LEU A 282 -13.15 6.99 -12.93
CA LEU A 282 -13.35 8.40 -12.61
C LEU A 282 -13.02 8.64 -11.15
N ALA A 283 -12.32 9.75 -10.87
CA ALA A 283 -11.98 10.10 -9.50
C ALA A 283 -11.91 11.60 -9.36
N ASN A 284 -12.33 12.08 -8.19
CA ASN A 284 -12.30 13.50 -7.88
C ASN A 284 -11.12 13.77 -6.94
N ALA A 285 -10.28 14.75 -7.25
CA ALA A 285 -9.29 15.27 -6.32
C ALA A 285 -9.65 16.67 -5.76
N GLY A 286 -10.83 17.21 -6.13
CA GLY A 286 -11.37 18.45 -5.51
C GLY A 286 -12.06 18.21 -4.17
N HIS A 287 -12.49 19.31 -3.53
CA HIS A 287 -13.07 19.29 -2.17
C HIS A 287 -14.52 18.79 -2.07
N PHE A 288 -15.31 18.95 -3.13
CA PHE A 288 -16.75 18.64 -3.07
C PHE A 288 -17.19 17.70 -4.19
N ASN A 289 -18.23 16.90 -3.91
CA ASN A 289 -18.73 15.86 -4.87
C ASN A 289 -19.60 16.33 -6.09
N VAL A 290 -19.44 17.61 -6.48
CA VAL A 290 -20.13 18.23 -7.62
C VAL A 290 -19.32 18.13 -8.94
N GLU A 291 -17.99 17.93 -8.85
CA GLU A 291 -17.13 17.94 -10.05
C GLU A 291 -17.49 16.84 -11.05
N ILE A 292 -17.55 15.62 -10.55
CA ILE A 292 -18.14 14.51 -11.31
C ILE A 292 -19.58 14.48 -10.83
N PRO A 293 -20.53 14.62 -11.76
CA PRO A 293 -21.93 14.76 -11.36
C PRO A 293 -22.51 13.38 -10.97
N VAL A 294 -22.29 13.03 -9.72
CA VAL A 294 -22.70 11.72 -9.20
C VAL A 294 -24.21 11.57 -9.42
N ARG A 295 -24.99 12.64 -9.18
CA ARG A 295 -26.45 12.61 -9.42
C ARG A 295 -26.83 12.30 -10.87
N VAL A 296 -26.06 12.84 -11.81
CA VAL A 296 -26.21 12.53 -13.23
C VAL A 296 -25.89 11.06 -13.52
N LEU A 297 -24.77 10.53 -12.99
CA LEU A 297 -24.50 9.07 -13.11
C LEU A 297 -25.64 8.22 -12.55
N GLU A 298 -26.16 8.62 -11.38
CA GLU A 298 -27.26 7.92 -10.71
C GLU A 298 -28.54 8.01 -11.56
N GLU A 299 -28.76 9.18 -12.19
CA GLU A 299 -29.94 9.41 -13.04
C GLU A 299 -29.90 8.55 -14.29
N ILE A 300 -28.77 8.57 -15.02
CA ILE A 300 -28.67 7.92 -16.35
C ILE A 300 -28.28 6.44 -16.36
N ALA A 301 -27.73 5.93 -15.27
CA ALA A 301 -27.30 4.52 -15.22
C ALA A 301 -28.50 3.57 -15.21
N VAL A 302 -28.38 2.47 -15.94
CA VAL A 302 -29.39 1.42 -15.90
C VAL A 302 -29.12 0.43 -14.77
N GLU A 303 -27.92 0.45 -14.19
CA GLU A 303 -27.54 -0.45 -13.09
C GLU A 303 -26.37 0.19 -12.34
N LYS A 304 -26.42 0.14 -11.01
CA LYS A 304 -25.34 0.63 -10.15
C LYS A 304 -24.95 -0.56 -9.27
N PHE A 305 -23.66 -0.81 -9.06
CA PHE A 305 -23.19 -1.93 -8.21
C PHE A 305 -21.88 -1.59 -7.56
N GLU A 306 -21.58 -2.30 -6.46
CA GLU A 306 -20.26 -2.16 -5.84
C GLU A 306 -19.31 -3.15 -6.53
N ALA A 307 -18.36 -2.60 -7.30
CA ALA A 307 -17.45 -3.42 -8.06
C ALA A 307 -16.29 -3.98 -7.21
N ARG A 308 -15.85 -3.18 -6.25
CA ARG A 308 -14.69 -3.42 -5.39
C ARG A 308 -14.93 -2.51 -4.21
N PRO A 309 -14.20 -2.73 -3.10
CA PRO A 309 -14.37 -1.71 -2.05
C PRO A 309 -13.92 -0.33 -2.58
N ASN A 310 -14.77 0.67 -2.34
CA ASN A 310 -14.48 2.04 -2.72
C ASN A 310 -14.59 2.29 -4.23
N VAL A 311 -15.16 1.33 -4.98
CA VAL A 311 -15.35 1.47 -6.42
C VAL A 311 -16.78 1.11 -6.77
N THR A 312 -17.50 2.07 -7.36
CA THR A 312 -18.90 1.87 -7.75
C THR A 312 -18.95 1.78 -9.27
N GLY A 313 -19.57 0.73 -9.78
CA GLY A 313 -19.84 0.59 -11.20
C GLY A 313 -21.20 1.13 -11.56
N TYR A 314 -21.23 1.86 -12.68
CA TYR A 314 -22.47 2.39 -13.27
C TYR A 314 -22.52 1.88 -14.69
N THR A 315 -23.56 1.12 -15.01
CA THR A 315 -23.76 0.57 -16.37
C THR A 315 -24.74 1.50 -17.06
N LEU A 316 -24.35 1.96 -18.24
CA LEU A 316 -25.07 3.04 -18.92
C LEU A 316 -26.00 2.51 -20.01
N GLU A 317 -26.84 3.39 -20.57
CA GLU A 317 -27.85 2.97 -21.58
C GLU A 317 -27.15 2.44 -22.81
N ASN A 318 -25.90 2.86 -23.04
CA ASN A 318 -25.14 2.41 -24.21
C ASN A 318 -24.46 1.03 -24.02
N GLY A 319 -24.74 0.37 -22.89
CA GLY A 319 -24.17 -0.93 -22.58
C GLY A 319 -22.79 -0.93 -21.90
N LYS A 320 -22.18 0.25 -21.76
CA LYS A 320 -20.84 0.39 -21.18
C LYS A 320 -20.94 0.57 -19.66
N THR A 321 -19.89 0.17 -18.95
CA THR A 321 -19.83 0.41 -17.51
C THR A 321 -18.65 1.31 -17.20
N VAL A 322 -18.88 2.32 -16.36
CA VAL A 322 -17.82 3.18 -15.85
C VAL A 322 -17.74 3.07 -14.32
N PHE A 323 -16.57 3.35 -13.78
CA PHE A 323 -16.31 3.15 -12.39
C PHE A 323 -15.95 4.46 -11.70
N LEU A 324 -16.58 4.70 -10.57
CA LEU A 324 -16.36 5.92 -9.78
C LEU A 324 -15.66 5.52 -8.47
N LEU A 325 -14.54 6.18 -8.16
CA LEU A 325 -13.83 5.94 -6.90
C LEU A 325 -14.41 6.78 -5.76
N ALA A 326 -14.56 6.14 -4.61
CA ALA A 326 -14.87 6.85 -3.34
C ALA A 326 -16.15 7.69 -3.38
N GLU A 327 -17.16 7.23 -4.14
CA GLU A 327 -18.42 7.96 -4.35
C GLU A 327 -18.20 9.43 -4.81
N GLY A 328 -17.13 9.70 -5.55
CA GLY A 328 -16.86 11.08 -6.06
C GLY A 328 -16.27 12.08 -5.08
N ARG A 329 -15.92 11.63 -3.87
CA ARG A 329 -15.25 12.46 -2.85
C ARG A 329 -13.73 12.45 -3.05
N LEU A 330 -13.03 13.38 -2.41
CA LEU A 330 -11.57 13.52 -2.53
C LEU A 330 -10.97 12.14 -2.34
N VAL A 331 -10.34 11.63 -3.40
CA VAL A 331 -9.92 10.24 -3.41
C VAL A 331 -8.76 9.92 -2.45
N ASN A 332 -7.91 10.90 -2.20
CA ASN A 332 -6.77 10.74 -1.31
C ASN A 332 -7.10 11.01 0.14
N GLY A 338 -6.02 9.07 10.27
CA GLY A 338 -5.65 7.98 9.37
C GLY A 338 -4.19 8.15 9.02
N HIS A 339 -3.36 8.16 10.06
CA HIS A 339 -1.97 8.49 9.87
C HIS A 339 -1.05 7.60 10.70
N PRO A 340 0.22 7.50 10.27
CA PRO A 340 1.11 6.62 11.02
C PRO A 340 1.36 7.13 12.43
N VAL A 341 1.80 6.20 13.26
CA VAL A 341 2.04 6.46 14.72
C VAL A 341 2.89 7.70 14.90
N GLU A 342 4.06 7.82 14.24
CA GLU A 342 4.96 8.93 14.45
C GLU A 342 4.48 10.28 13.99
N ILE A 343 3.60 10.26 13.00
CA ILE A 343 2.97 11.49 12.51
C ILE A 343 1.97 11.99 13.58
N MET A 344 1.18 11.07 14.13
CA MET A 344 0.21 11.43 15.20
C MET A 344 1.01 11.87 16.43
N ASP A 345 2.17 11.26 16.72
CA ASP A 345 3.05 11.72 17.81
C ASP A 345 3.40 13.19 17.62
N LEU A 346 3.82 13.57 16.39
CA LEU A 346 4.14 14.98 16.12
C LEU A 346 2.91 15.92 16.34
N SER A 347 1.75 15.52 15.83
CA SER A 347 0.50 16.30 15.89
C SER A 347 0.14 16.45 17.42
N PHE A 348 0.22 15.32 18.11
CA PHE A 348 -0.11 15.31 19.56
C PHE A 348 0.85 16.17 20.38
N ALA A 349 2.16 16.19 20.07
CA ALA A 349 3.09 17.06 20.72
C ALA A 349 2.72 18.52 20.55
N LEU A 350 2.39 18.94 19.32
CA LEU A 350 1.94 20.31 19.04
C LEU A 350 0.65 20.63 19.88
N GLN A 351 -0.25 19.67 19.98
CA GLN A 351 -1.51 19.87 20.73
C GLN A 351 -1.27 19.99 22.25
N ILE A 352 -0.41 19.15 22.78
CA ILE A 352 -0.04 19.24 24.22
C ILE A 352 0.62 20.54 24.52
N PHE A 353 1.56 20.97 23.68
CA PHE A 353 2.16 22.28 23.87
C PHE A 353 1.18 23.43 23.70
N ALA A 354 0.17 23.33 22.85
CA ALA A 354 -0.86 24.34 22.72
C ALA A 354 -1.62 24.44 24.08
N VAL A 355 -2.00 23.30 24.63
CA VAL A 355 -2.69 23.28 25.94
C VAL A 355 -1.78 23.87 27.01
N LEU A 356 -0.51 23.50 27.05
CA LEU A 356 0.41 24.12 28.01
C LEU A 356 0.60 25.64 27.83
N TYR A 357 0.63 26.11 26.58
CA TYR A 357 0.71 27.51 26.30
C TYR A 357 -0.54 28.23 26.83
N LEU A 358 -1.72 27.68 26.57
CA LEU A 358 -2.97 28.22 27.11
C LEU A 358 -2.92 28.24 28.67
N LEU A 359 -2.47 27.16 29.26
CA LEU A 359 -2.31 27.10 30.74
C LEU A 359 -1.47 28.26 31.25
N GLU A 360 -0.32 28.51 30.63
CA GLU A 360 0.59 29.54 31.08
C GLU A 360 0.10 30.95 30.76
N ASN A 361 -0.55 31.13 29.61
CA ASN A 361 -0.78 32.47 29.03
C ASN A 361 -2.22 32.91 28.87
N HIS A 362 -3.19 32.06 29.21
CA HIS A 362 -4.61 32.37 28.87
C HIS A 362 -5.10 33.70 29.45
N ARG A 363 -4.55 34.09 30.60
CA ARG A 363 -4.98 35.40 31.24
C ARG A 363 -4.56 36.64 30.45
N LYS A 364 -3.51 36.48 29.64
CA LYS A 364 -3.01 37.51 28.76
C LYS A 364 -3.59 37.48 27.33
N MET A 365 -4.43 36.48 27.02
CA MET A 365 -4.94 36.27 25.63
C MET A 365 -6.39 36.74 25.53
N SER A 366 -6.72 37.27 24.36
CA SER A 366 -8.10 37.71 24.04
C SER A 366 -8.96 36.51 23.69
N PRO A 367 -10.31 36.67 23.74
CA PRO A 367 -11.21 35.62 23.26
C PRO A 367 -11.27 35.59 21.72
N LYS A 368 -10.18 35.11 21.12
CA LYS A 368 -10.02 35.05 19.66
C LYS A 368 -9.27 33.77 19.25
N VAL A 369 -9.26 33.51 17.95
CA VAL A 369 -8.54 32.34 17.41
C VAL A 369 -7.13 32.79 17.10
N TYR A 370 -6.16 32.22 17.78
CA TYR A 370 -4.74 32.47 17.53
C TYR A 370 -4.17 31.35 16.69
N MET A 371 -3.29 31.68 15.78
CA MET A 371 -2.48 30.63 15.13
C MET A 371 -1.51 30.03 16.16
N LEU A 372 -1.21 28.74 16.06
CA LEU A 372 -0.21 28.12 16.91
C LEU A 372 1.06 28.98 16.93
N PRO A 373 1.54 29.36 18.13
CA PRO A 373 2.77 30.18 18.16
C PRO A 373 3.95 29.46 17.47
N ASP A 374 4.69 30.22 16.67
CA ASP A 374 5.81 29.65 15.92
C ASP A 374 6.83 28.97 16.84
N GLU A 375 7.02 29.47 18.07
CA GLU A 375 7.88 28.86 19.07
CA GLU A 375 7.96 28.81 18.96
C GLU A 375 7.56 27.39 19.35
N ILE A 376 6.27 27.02 19.30
CA ILE A 376 5.90 25.68 19.53
C ILE A 376 6.32 24.76 18.35
N ASP A 377 6.10 25.23 17.14
CA ASP A 377 6.55 24.49 15.94
C ASP A 377 8.05 24.19 16.05
N GLU A 378 8.82 25.20 16.43
CA GLU A 378 10.30 25.12 16.50
C GLU A 378 10.70 24.21 17.66
N ARG A 379 9.99 24.29 18.79
CA ARG A 379 10.30 23.40 19.93
CA ARG A 379 10.29 23.41 19.92
C ARG A 379 10.10 21.93 19.57
N VAL A 380 8.97 21.63 18.98
CA VAL A 380 8.63 20.25 18.58
C VAL A 380 9.62 19.74 17.49
N ALA A 381 9.92 20.60 16.54
CA ALA A 381 10.92 20.22 15.46
C ALA A 381 12.27 19.87 16.10
N ARG A 382 12.75 20.73 17.02
CA ARG A 382 14.00 20.47 17.73
C ARG A 382 13.95 19.18 18.54
N MET A 383 12.83 18.94 19.23
CA MET A 383 12.65 17.69 19.95
CA MET A 383 12.67 17.67 19.95
C MET A 383 12.73 16.47 19.01
N LYS A 384 12.15 16.62 17.83
CA LYS A 384 12.18 15.53 16.85
C LYS A 384 13.58 15.26 16.31
N LEU A 385 14.29 16.33 16.02
CA LEU A 385 15.71 16.20 15.63
C LEU A 385 16.50 15.52 16.71
N ASP A 386 16.29 15.96 17.96
CA ASP A 386 17.02 15.40 19.10
C ASP A 386 16.74 13.89 19.21
N SER A 387 15.48 13.51 19.08
CA SER A 387 15.11 12.08 19.19
C SER A 387 15.71 11.22 18.03
N LEU A 388 15.92 11.83 16.85
CA LEU A 388 16.62 11.19 15.73
C LEU A 388 18.14 11.22 15.79
N GLY A 389 18.74 11.95 16.74
CA GLY A 389 20.19 12.13 16.85
C GLY A 389 20.79 13.05 15.78
N VAL A 390 19.96 13.96 15.27
CA VAL A 390 20.36 14.86 14.19
C VAL A 390 20.83 16.16 14.74
N LYS A 391 21.93 16.63 14.20
CA LYS A 391 22.49 17.95 14.55
C LYS A 391 22.43 18.81 13.31
N ILE A 392 22.14 20.09 13.50
CA ILE A 392 22.13 21.11 12.42
C ILE A 392 23.03 22.28 12.73
N ASP A 393 23.11 23.22 11.79
CA ASP A 393 23.94 24.38 11.97
C ASP A 393 23.26 25.47 12.76
N GLU A 394 24.07 26.42 13.18
CA GLU A 394 23.67 27.58 13.96
C GLU A 394 24.27 28.80 13.30
N LEU A 395 23.48 29.85 13.21
CA LEU A 395 23.91 31.08 12.58
C LEU A 395 25.06 31.70 13.41
N THR A 396 26.05 32.25 12.71
CA THR A 396 27.12 33.06 13.33
C THR A 396 26.64 34.48 13.53
N GLU A 397 27.43 35.27 14.25
CA GLU A 397 27.11 36.68 14.47
C GLU A 397 27.09 37.44 13.14
N LYS A 398 28.09 37.20 12.28
CA LYS A 398 28.16 37.82 10.95
C LYS A 398 26.91 37.51 10.12
N GLN A 399 26.48 36.25 10.15
CA GLN A 399 25.27 35.82 9.45
C GLN A 399 23.99 36.48 10.00
N ARG A 400 23.86 36.58 11.33
CA ARG A 400 22.69 37.29 11.94
C ARG A 400 22.67 38.78 11.52
N ARG A 401 23.84 39.42 11.53
CA ARG A 401 24.00 40.84 11.11
C ARG A 401 23.70 41.07 9.62
N TYR A 402 23.94 40.04 8.81
CA TYR A 402 23.68 40.04 7.38
C TYR A 402 22.19 39.93 7.06
N LEU A 403 21.51 39.02 7.74
CA LEU A 403 20.08 38.79 7.58
C LEU A 403 19.26 39.95 8.11
N ASN B 5 -21.28 -14.96 -4.88
CA ASN B 5 -21.29 -13.65 -5.57
C ASN B 5 -20.02 -12.87 -5.31
N THR B 6 -19.52 -12.76 -4.07
CA THR B 6 -18.33 -11.93 -3.88
C THR B 6 -17.11 -12.44 -4.67
N GLY B 7 -16.97 -13.77 -4.75
CA GLY B 7 -15.93 -14.42 -5.52
C GLY B 7 -16.03 -14.12 -6.97
N GLU B 8 -17.24 -14.29 -7.51
N GLU B 8 -17.25 -14.29 -7.51
CA GLU B 8 -17.51 -13.96 -8.89
CA GLU B 8 -17.54 -13.94 -8.89
C GLU B 8 -17.29 -12.47 -9.19
C GLU B 8 -17.26 -12.47 -9.18
N MET B 9 -17.63 -11.59 -8.25
CA MET B 9 -17.40 -10.14 -8.45
C MET B 9 -15.91 -9.81 -8.54
N LYS B 10 -15.10 -10.46 -7.72
CA LYS B 10 -13.65 -10.27 -7.78
C LYS B 10 -13.08 -10.70 -9.13
N ILE B 11 -13.56 -11.82 -9.65
CA ILE B 11 -13.11 -12.34 -10.91
C ILE B 11 -13.63 -11.47 -12.02
N ASN B 12 -14.88 -10.99 -11.90
CA ASN B 12 -15.46 -10.08 -12.90
C ASN B 12 -14.63 -8.80 -13.07
N TRP B 13 -14.20 -8.23 -11.96
CA TRP B 13 -13.28 -7.04 -12.01
C TRP B 13 -12.04 -7.32 -12.84
N VAL B 14 -11.27 -8.33 -12.50
CA VAL B 14 -10.01 -8.60 -13.20
C VAL B 14 -10.27 -8.97 -14.67
N SER B 15 -11.36 -9.67 -14.97
CA SER B 15 -11.66 -10.06 -16.35
C SER B 15 -11.79 -8.86 -17.26
N ARG B 16 -12.24 -7.75 -16.70
CA ARG B 16 -12.41 -6.57 -17.53
C ARG B 16 -11.09 -5.95 -17.93
N TYR B 17 -10.05 -6.26 -17.18
CA TYR B 17 -8.76 -5.61 -17.38
C TYR B 17 -7.64 -6.60 -17.73
N MET B 18 -8.01 -7.78 -18.28
CA MET B 18 -7.07 -8.79 -18.70
CA MET B 18 -7.03 -8.78 -18.70
C MET B 18 -7.22 -9.02 -20.21
N PRO B 19 -6.91 -7.98 -20.99
CA PRO B 19 -7.21 -8.11 -22.44
C PRO B 19 -6.43 -9.21 -23.15
N LEU B 20 -5.18 -9.50 -22.72
CA LEU B 20 -4.39 -10.56 -23.40
C LEU B 20 -4.98 -11.91 -23.12
N LEU B 21 -5.33 -12.21 -21.87
CA LEU B 21 -5.99 -13.45 -21.57
C LEU B 21 -7.36 -13.58 -22.28
N ASN B 22 -8.06 -12.49 -22.38
CA ASN B 22 -9.32 -12.53 -23.10
C ASN B 22 -9.13 -12.76 -24.60
N LYS B 23 -8.05 -12.22 -25.16
CA LYS B 23 -7.73 -12.44 -26.60
C LYS B 23 -7.27 -13.84 -26.84
N ILE B 24 -6.48 -14.40 -25.91
CA ILE B 24 -6.09 -15.79 -25.97
C ILE B 24 -7.31 -16.71 -25.99
N ALA B 25 -8.28 -16.43 -25.14
CA ALA B 25 -9.49 -17.22 -25.13
C ALA B 25 -10.22 -17.06 -26.48
N GLU B 26 -10.31 -15.84 -26.98
CA GLU B 26 -11.00 -15.62 -28.25
C GLU B 26 -10.31 -16.44 -29.35
N GLU B 27 -8.97 -16.44 -29.37
CA GLU B 27 -8.19 -17.13 -30.42
C GLU B 27 -8.22 -18.64 -30.36
N TYR B 28 -8.25 -19.23 -29.15
CA TYR B 28 -8.01 -20.68 -29.00
C TYR B 28 -9.10 -21.47 -28.31
N SER B 29 -10.11 -20.80 -27.78
CA SER B 29 -11.15 -21.53 -27.02
C SER B 29 -12.03 -22.42 -27.87
N ARG B 30 -12.15 -22.14 -29.16
CA ARG B 30 -12.91 -23.04 -30.05
C ARG B 30 -12.06 -24.25 -30.41
N GLU B 31 -10.79 -24.01 -30.71
CA GLU B 31 -9.86 -25.11 -31.03
C GLU B 31 -9.54 -26.03 -29.83
N LYS B 32 -9.51 -25.48 -28.62
CA LYS B 32 -9.25 -26.27 -27.40
C LYS B 32 -7.99 -27.09 -27.46
N PRO B 33 -6.85 -26.41 -27.66
CA PRO B 33 -5.58 -27.13 -27.81
C PRO B 33 -5.17 -27.96 -26.63
N LEU B 34 -5.63 -27.55 -25.44
CA LEU B 34 -5.33 -28.28 -24.20
C LEU B 34 -6.37 -29.34 -23.80
N SER B 35 -7.37 -29.57 -24.66
CA SER B 35 -8.32 -30.66 -24.39
C SER B 35 -7.61 -32.01 -24.22
N GLY B 36 -7.94 -32.71 -23.15
CA GLY B 36 -7.28 -33.96 -22.80
C GLY B 36 -5.96 -33.90 -22.06
N PHE B 37 -5.55 -32.69 -21.67
CA PHE B 37 -4.36 -32.47 -20.88
C PHE B 37 -4.78 -31.87 -19.54
N THR B 38 -4.01 -32.22 -18.51
CA THR B 38 -4.12 -31.64 -17.17
C THR B 38 -2.97 -30.69 -16.91
N VAL B 39 -3.32 -29.51 -16.43
CA VAL B 39 -2.35 -28.53 -16.02
C VAL B 39 -2.41 -28.39 -14.51
N GLY B 40 -1.30 -28.72 -13.87
CA GLY B 40 -1.17 -28.56 -12.42
C GLY B 40 -0.57 -27.20 -12.12
N MET B 41 -1.04 -26.53 -11.07
CA MET B 41 -0.54 -25.18 -10.73
C MET B 41 -0.32 -25.05 -9.24
N SER B 42 0.74 -24.34 -8.90
CA SER B 42 0.94 -23.85 -7.51
C SER B 42 1.01 -22.33 -7.61
N ILE B 43 0.08 -21.67 -6.94
CA ILE B 43 -0.14 -20.22 -7.09
C ILE B 43 -0.48 -19.66 -5.75
N HIS B 44 -0.35 -18.34 -5.62
CA HIS B 44 -1.09 -17.68 -4.56
C HIS B 44 -2.48 -17.43 -5.14
N LEU B 45 -3.49 -17.98 -4.50
CA LEU B 45 -4.83 -17.90 -5.05
C LEU B 45 -5.45 -16.55 -4.78
N GLU B 46 -5.90 -15.90 -5.85
CA GLU B 46 -6.65 -14.65 -5.80
CA GLU B 46 -6.69 -14.69 -5.78
C GLU B 46 -7.32 -14.48 -7.16
N ALA B 47 -8.07 -13.40 -7.33
CA ALA B 47 -8.78 -13.26 -8.60
C ALA B 47 -7.95 -13.31 -9.84
N LYS B 48 -6.76 -12.70 -9.85
CA LYS B 48 -5.94 -12.72 -11.05
C LYS B 48 -5.45 -14.09 -11.44
N THR B 49 -4.97 -14.86 -10.46
CA THR B 49 -4.52 -16.21 -10.75
C THR B 49 -5.68 -17.14 -11.10
N ALA B 50 -6.85 -16.87 -10.50
CA ALA B 50 -8.06 -17.59 -10.84
C ALA B 50 -8.33 -17.38 -12.35
N TYR B 51 -8.15 -16.17 -12.86
CA TYR B 51 -8.43 -15.88 -14.29
C TYR B 51 -7.49 -16.61 -15.23
N LEU B 52 -6.27 -16.84 -14.80
CA LEU B 52 -5.32 -17.66 -15.53
C LEU B 52 -5.87 -19.09 -15.59
N ALA B 53 -6.32 -19.62 -14.44
CA ALA B 53 -6.90 -20.99 -14.40
C ALA B 53 -8.13 -21.07 -15.30
N ILE B 54 -8.96 -20.05 -15.24
CA ILE B 54 -10.17 -20.00 -16.08
C ILE B 54 -9.80 -20.01 -17.57
N THR B 55 -8.77 -19.27 -17.93
CA THR B 55 -8.38 -19.16 -19.31
C THR B 55 -7.84 -20.49 -19.79
N LEU B 56 -7.02 -21.15 -18.97
CA LEU B 56 -6.54 -22.49 -19.32
C LEU B 56 -7.67 -23.49 -19.55
N SER B 57 -8.70 -23.43 -18.68
CA SER B 57 -9.87 -24.26 -18.83
C SER B 57 -10.65 -23.96 -20.11
N LYS B 58 -10.79 -22.69 -20.46
CA LYS B 58 -11.40 -22.33 -21.75
C LYS B 58 -10.66 -22.91 -22.94
N LEU B 59 -9.34 -23.11 -22.80
CA LEU B 59 -8.49 -23.74 -23.82
C LEU B 59 -8.57 -25.29 -23.77
N GLY B 60 -9.41 -25.82 -22.88
CA GLY B 60 -9.68 -27.23 -22.72
C GLY B 60 -8.98 -27.99 -21.63
N ALA B 61 -8.09 -27.34 -20.90
CA ALA B 61 -7.26 -28.05 -19.93
C ALA B 61 -8.14 -28.41 -18.70
N LYS B 62 -7.83 -29.56 -18.11
CA LYS B 62 -8.28 -29.87 -16.73
C LYS B 62 -7.28 -29.17 -15.84
N VAL B 63 -7.76 -28.32 -14.96
CA VAL B 63 -6.85 -27.47 -14.17
C VAL B 63 -7.00 -27.86 -12.70
N VAL B 64 -5.85 -28.11 -12.05
CA VAL B 64 -5.82 -28.59 -10.65
C VAL B 64 -4.79 -27.71 -9.95
N ILE B 65 -5.19 -27.10 -8.84
CA ILE B 65 -4.41 -25.98 -8.28
C ILE B 65 -4.23 -26.14 -6.79
N THR B 66 -3.02 -25.81 -6.32
CA THR B 66 -2.85 -25.59 -4.89
CA THR B 66 -2.71 -25.65 -4.89
C THR B 66 -2.48 -24.16 -4.69
N GLY B 67 -3.07 -23.58 -3.64
CA GLY B 67 -2.88 -22.18 -3.31
C GLY B 67 -2.04 -22.12 -2.06
N SER B 68 -0.90 -21.45 -2.19
CA SER B 68 -0.11 -20.99 -1.05
CA SER B 68 -0.12 -21.02 -1.02
C SER B 68 -0.85 -19.80 -0.47
N ASN B 69 -1.85 -20.05 0.36
CA ASN B 69 -2.61 -19.02 1.06
C ASN B 69 -2.57 -19.13 2.61
N PRO B 70 -1.41 -18.83 3.26
CA PRO B 70 -1.23 -18.80 4.74
C PRO B 70 -2.01 -17.73 5.51
N LEU B 71 -2.27 -16.64 4.81
CA LEU B 71 -3.40 -15.70 4.97
C LEU B 71 -4.78 -16.24 5.33
N SER B 72 -5.13 -17.43 4.84
CA SER B 72 -6.42 -18.01 5.13
C SER B 72 -7.55 -17.21 4.49
N THR B 73 -7.35 -16.77 3.25
CA THR B 73 -8.40 -15.99 2.56
C THR B 73 -8.61 -16.43 1.09
N GLN B 74 -9.48 -15.69 0.39
CA GLN B 74 -9.94 -15.97 -0.98
C GLN B 74 -10.75 -17.26 -1.14
N ASP B 75 -11.41 -17.71 -0.07
CA ASP B 75 -12.30 -18.87 -0.19
C ASP B 75 -13.41 -18.60 -1.18
N ASP B 76 -13.88 -17.34 -1.26
CA ASP B 76 -14.94 -16.99 -2.21
C ASP B 76 -14.49 -17.22 -3.61
N VAL B 77 -13.24 -16.87 -3.90
CA VAL B 77 -12.64 -17.08 -5.24
C VAL B 77 -12.46 -18.58 -5.52
N ALA B 78 -11.99 -19.33 -4.53
CA ALA B 78 -11.93 -20.81 -4.62
C ALA B 78 -13.29 -21.44 -4.96
N GLU B 79 -14.37 -20.96 -4.34
CA GLU B 79 -15.75 -21.49 -4.56
C GLU B 79 -16.19 -21.15 -5.93
N ALA B 80 -15.91 -19.90 -6.42
CA ALA B 80 -16.21 -19.56 -7.80
C ALA B 80 -15.49 -20.48 -8.77
N LEU B 81 -14.21 -20.77 -8.51
CA LEU B 81 -13.47 -21.69 -9.41
C LEU B 81 -14.07 -23.12 -9.43
N ARG B 82 -14.43 -23.60 -8.26
CA ARG B 82 -15.07 -24.94 -8.11
C ARG B 82 -16.35 -25.05 -8.91
N SER B 83 -17.13 -23.97 -8.97
CA SER B 83 -18.39 -23.94 -9.75
C SER B 83 -18.15 -23.97 -11.25
N LYS B 84 -16.93 -23.68 -11.68
CA LYS B 84 -16.53 -23.74 -13.06
C LYS B 84 -15.78 -25.02 -13.41
N GLY B 85 -15.75 -25.98 -12.49
CA GLY B 85 -15.09 -27.28 -12.70
C GLY B 85 -13.58 -27.31 -12.50
N ILE B 86 -13.00 -26.27 -11.86
CA ILE B 86 -11.58 -26.21 -11.60
C ILE B 86 -11.37 -26.66 -10.16
N THR B 87 -10.39 -27.53 -9.96
CA THR B 87 -10.15 -28.14 -8.65
C THR B 87 -9.13 -27.27 -7.93
N VAL B 88 -9.45 -26.85 -6.72
CA VAL B 88 -8.63 -25.88 -5.95
C VAL B 88 -8.47 -26.38 -4.51
N TYR B 89 -7.22 -26.50 -4.05
CA TYR B 89 -6.92 -26.89 -2.67
C TYR B 89 -6.10 -25.75 -2.04
N ALA B 90 -6.75 -24.88 -1.30
CA ALA B 90 -6.06 -23.72 -0.72
C ALA B 90 -6.30 -23.51 0.75
N ARG B 91 -7.24 -24.26 1.37
CA ARG B 91 -7.60 -23.94 2.75
C ARG B 91 -6.52 -24.44 3.71
N ARG B 92 -6.34 -23.75 4.83
CA ARG B 92 -5.49 -24.21 5.93
C ARG B 92 -3.98 -24.27 5.54
N THR B 93 -3.62 -23.58 4.45
CA THR B 93 -2.26 -23.73 3.90
C THR B 93 -1.22 -22.90 4.67
N HIS B 94 -1.64 -22.22 5.74
CA HIS B 94 -0.70 -21.68 6.74
C HIS B 94 0.19 -22.74 7.32
N ASP B 95 -0.41 -23.91 7.57
CA ASP B 95 0.31 -25.08 8.01
C ASP B 95 1.09 -25.66 6.83
N GLU B 96 2.41 -25.76 7.01
CA GLU B 96 3.33 -26.08 5.90
C GLU B 96 3.08 -27.51 5.43
N SER B 97 2.74 -28.40 6.38
CA SER B 97 2.44 -29.79 6.07
C SER B 97 1.11 -29.91 5.25
N ILE B 98 0.15 -29.02 5.48
CA ILE B 98 -1.07 -28.96 4.63
C ILE B 98 -0.79 -28.43 3.21
N TYR B 99 0.03 -27.38 3.09
CA TYR B 99 0.47 -26.93 1.77
C TYR B 99 1.17 -28.07 1.03
N ARG B 100 2.06 -28.78 1.71
CA ARG B 100 2.75 -29.94 1.09
CA ARG B 100 2.75 -29.92 1.11
C ARG B 100 1.77 -31.03 0.67
N GLU B 101 0.80 -31.34 1.53
CA GLU B 101 -0.21 -32.35 1.18
C GLU B 101 -0.99 -31.92 -0.06
N ASN B 102 -1.27 -30.63 -0.16
CA ASN B 102 -2.01 -30.10 -1.34
C ASN B 102 -1.19 -30.16 -2.63
N LEU B 103 0.11 -29.95 -2.51
CA LEU B 103 1.01 -30.25 -3.62
C LEU B 103 0.93 -31.71 -4.06
N MET B 104 0.95 -32.63 -3.09
CA MET B 104 0.81 -34.06 -3.38
C MET B 104 -0.52 -34.37 -4.05
N LYS B 105 -1.57 -33.67 -3.65
CA LYS B 105 -2.87 -33.77 -4.34
C LYS B 105 -2.87 -33.35 -5.80
N VAL B 106 -2.13 -32.27 -6.11
CA VAL B 106 -1.95 -31.90 -7.48
C VAL B 106 -1.21 -33.01 -8.25
N LEU B 107 -0.15 -33.54 -7.66
CA LEU B 107 0.62 -34.58 -8.35
C LEU B 107 -0.14 -35.90 -8.50
N ASP B 108 -1.10 -36.15 -7.58
CA ASP B 108 -2.00 -37.30 -7.69
C ASP B 108 -2.78 -37.25 -8.99
N GLU B 109 -3.03 -36.05 -9.52
CA GLU B 109 -3.74 -35.92 -10.82
C GLU B 109 -2.86 -36.08 -12.08
N ARG B 110 -1.57 -36.36 -11.88
CA ARG B 110 -0.66 -36.71 -12.99
C ARG B 110 -0.70 -35.63 -14.08
N PRO B 111 -0.33 -34.43 -13.71
CA PRO B 111 -0.35 -33.33 -14.68
C PRO B 111 0.58 -33.56 -15.90
N ASP B 112 0.09 -33.22 -17.07
CA ASP B 112 0.89 -33.14 -18.28
C ASP B 112 1.82 -31.92 -18.29
N PHE B 113 1.35 -30.79 -17.73
CA PHE B 113 2.15 -29.55 -17.65
C PHE B 113 1.98 -28.99 -16.26
N ILE B 114 3.04 -28.36 -15.75
CA ILE B 114 2.99 -27.71 -14.46
C ILE B 114 3.30 -26.22 -14.66
N ILE B 115 2.48 -25.36 -14.05
CA ILE B 115 2.84 -23.95 -13.91
C ILE B 115 3.22 -23.83 -12.46
N ASP B 116 4.51 -23.64 -12.19
CA ASP B 116 4.98 -23.80 -10.82
C ASP B 116 5.12 -22.46 -10.06
N ASP B 117 5.27 -22.56 -8.75
CA ASP B 117 5.54 -21.42 -7.83
C ASP B 117 6.80 -21.76 -7.08
N GLY B 118 7.92 -21.15 -7.48
CA GLY B 118 9.13 -21.43 -6.78
C GLY B 118 9.70 -22.81 -6.98
N GLY B 119 9.21 -23.55 -7.99
CA GLY B 119 9.71 -24.89 -8.28
C GLY B 119 9.19 -25.97 -7.35
N ASP B 120 8.26 -25.60 -6.47
CA ASP B 120 7.70 -26.52 -5.49
C ASP B 120 7.24 -27.87 -6.03
N LEU B 121 6.29 -27.85 -6.94
CA LEU B 121 5.72 -29.09 -7.51
C LEU B 121 6.77 -29.89 -8.30
N THR B 122 7.58 -29.18 -9.08
CA THR B 122 8.58 -29.85 -9.93
C THR B 122 9.65 -30.55 -9.08
N VAL B 123 10.09 -29.90 -8.00
CA VAL B 123 11.12 -30.48 -7.15
C VAL B 123 10.57 -31.74 -6.47
N ILE B 124 9.35 -31.66 -5.92
CA ILE B 124 8.71 -32.85 -5.35
C ILE B 124 8.59 -34.00 -6.36
N SER B 125 8.22 -33.67 -7.59
CA SER B 125 8.09 -34.64 -8.65
C SER B 125 9.39 -35.41 -8.91
N HIS B 126 10.51 -34.71 -8.78
CA HIS B 126 11.82 -35.29 -8.97
C HIS B 126 12.35 -36.00 -7.73
N THR B 127 11.92 -35.60 -6.54
CA THR B 127 12.48 -36.17 -5.32
C THR B 127 11.62 -37.17 -4.59
N GLU B 128 10.30 -37.00 -4.62
CA GLU B 128 9.40 -37.88 -3.85
C GLU B 128 8.28 -38.52 -4.62
N ARG B 129 7.99 -38.00 -5.81
CA ARG B 129 6.85 -38.47 -6.57
C ARG B 129 7.28 -38.75 -8.01
N GLU B 130 8.39 -39.48 -8.14
CA GLU B 130 8.97 -39.78 -9.47
C GLU B 130 8.02 -40.48 -10.43
N GLU B 131 7.02 -41.22 -9.93
CA GLU B 131 6.01 -41.84 -10.81
C GLU B 131 5.28 -40.88 -11.73
N VAL B 132 5.23 -39.58 -11.38
CA VAL B 132 4.53 -38.60 -12.19
C VAL B 132 5.38 -38.10 -13.36
N LEU B 133 6.69 -38.39 -13.36
CA LEU B 133 7.59 -37.90 -14.42
C LEU B 133 7.29 -38.51 -15.78
N GLU B 134 6.72 -39.72 -15.78
CA GLU B 134 6.28 -40.39 -17.02
C GLU B 134 5.37 -39.46 -17.80
N ASN B 135 4.26 -39.08 -17.19
CA ASN B 135 3.28 -38.24 -17.85
C ASN B 135 3.62 -36.75 -17.99
N LEU B 136 4.46 -36.23 -17.10
CA LEU B 136 4.85 -34.79 -17.10
C LEU B 136 5.67 -34.44 -18.34
N LYS B 137 5.14 -33.52 -19.16
CA LYS B 137 5.71 -33.18 -20.44
C LYS B 137 6.52 -31.87 -20.41
N GLY B 138 6.20 -30.97 -19.48
CA GLY B 138 6.90 -29.68 -19.42
C GLY B 138 6.51 -28.88 -18.20
N VAL B 139 7.41 -27.98 -17.79
CA VAL B 139 7.18 -27.06 -16.65
C VAL B 139 7.42 -25.61 -17.12
N SER B 140 6.55 -24.69 -16.67
CA SER B 140 6.74 -23.24 -16.79
C SER B 140 6.96 -22.72 -15.38
N GLU B 141 8.08 -22.03 -15.19
CA GLU B 141 8.48 -21.42 -13.92
C GLU B 141 8.79 -19.91 -14.12
N GLU B 142 8.20 -19.08 -13.26
CA GLU B 142 8.24 -17.62 -13.35
CA GLU B 142 8.35 -17.63 -13.43
C GLU B 142 9.18 -16.99 -12.33
N THR B 143 9.52 -17.71 -11.27
CA THR B 143 10.28 -17.06 -10.19
C THR B 143 11.74 -17.38 -10.24
N THR B 144 12.53 -16.48 -9.68
CA THR B 144 13.94 -16.65 -9.60
C THR B 144 14.30 -17.83 -8.69
N THR B 145 13.64 -17.96 -7.55
CA THR B 145 13.87 -19.13 -6.69
C THR B 145 13.58 -20.44 -7.44
N GLY B 146 12.45 -20.50 -8.14
CA GLY B 146 12.12 -21.72 -8.87
C GLY B 146 13.17 -22.07 -9.92
N VAL B 147 13.59 -21.06 -10.70
CA VAL B 147 14.58 -21.29 -11.73
C VAL B 147 15.89 -21.77 -11.12
N ARG B 148 16.34 -21.17 -10.01
CA ARG B 148 17.50 -21.64 -9.33
C ARG B 148 17.43 -23.12 -8.91
N ARG B 149 16.31 -23.48 -8.30
CA ARG B 149 16.15 -24.83 -7.83
C ARG B 149 16.14 -25.82 -9.00
N LEU B 150 15.45 -25.46 -10.07
CA LEU B 150 15.38 -26.35 -11.26
C LEU B 150 16.70 -26.41 -12.02
N LYS B 151 17.43 -25.30 -12.08
CA LYS B 151 18.81 -25.30 -12.58
CA LYS B 151 18.82 -25.30 -12.59
C LYS B 151 19.73 -26.18 -11.74
N ALA B 152 19.50 -26.22 -10.41
CA ALA B 152 20.30 -27.07 -9.53
C ALA B 152 20.00 -28.57 -9.81
N LEU B 153 18.75 -28.88 -10.10
CA LEU B 153 18.40 -30.25 -10.56
C LEU B 153 19.12 -30.59 -11.89
N GLU B 154 19.07 -29.69 -12.86
CA GLU B 154 19.81 -29.85 -14.11
C GLU B 154 21.30 -30.07 -13.92
N GLU B 155 21.94 -29.18 -13.14
CA GLU B 155 23.39 -29.18 -12.96
CA GLU B 155 23.40 -29.19 -12.99
C GLU B 155 23.91 -30.47 -12.33
N THR B 156 23.06 -31.13 -11.51
CA THR B 156 23.39 -32.44 -10.90
C THR B 156 22.91 -33.64 -11.74
N GLY B 157 22.36 -33.40 -12.94
CA GLY B 157 21.81 -34.44 -13.81
C GLY B 157 20.52 -35.12 -13.36
N LYS B 158 19.74 -34.47 -12.49
CA LYS B 158 18.50 -35.06 -11.93
C LYS B 158 17.22 -34.55 -12.60
N LEU B 159 17.31 -33.50 -13.41
CA LEU B 159 16.13 -32.96 -14.11
C LEU B 159 15.71 -33.91 -15.24
N ARG B 160 14.42 -34.21 -15.32
CA ARG B 160 13.87 -35.16 -16.30
C ARG B 160 12.84 -34.62 -17.27
N VAL B 161 12.50 -33.35 -17.17
CA VAL B 161 11.56 -32.72 -18.08
C VAL B 161 12.06 -31.34 -18.49
N PRO B 162 11.64 -30.87 -19.66
CA PRO B 162 12.03 -29.53 -20.08
C PRO B 162 11.30 -28.46 -19.22
N VAL B 163 12.02 -27.40 -18.89
CA VAL B 163 11.50 -26.31 -18.09
C VAL B 163 11.71 -25.04 -18.87
N ILE B 164 10.68 -24.21 -18.98
CA ILE B 164 10.86 -22.86 -19.55
C ILE B 164 10.84 -21.85 -18.38
N ALA B 165 11.95 -21.11 -18.29
CA ALA B 165 12.12 -20.04 -17.32
C ALA B 165 11.48 -18.79 -17.89
N VAL B 166 10.28 -18.46 -17.42
CA VAL B 166 9.56 -17.33 -17.99
C VAL B 166 10.08 -15.98 -17.48
N ASN B 167 10.77 -15.99 -16.35
CA ASN B 167 11.42 -14.82 -15.79
C ASN B 167 12.56 -14.23 -16.64
N ASP B 168 13.03 -14.99 -17.64
CA ASP B 168 13.97 -14.46 -18.65
C ASP B 168 13.41 -13.29 -19.47
N SER B 169 12.10 -13.12 -19.46
CA SER B 169 11.38 -12.29 -20.43
C SER B 169 11.96 -10.87 -20.59
N LYS B 170 12.09 -10.48 -21.85
CA LYS B 170 12.40 -9.10 -22.19
C LYS B 170 11.46 -8.09 -21.55
N MET B 171 10.24 -8.51 -21.28
CA MET B 171 9.31 -7.59 -20.70
C MET B 171 9.28 -7.49 -19.18
N LYS B 172 10.16 -8.21 -18.50
CA LYS B 172 10.40 -7.94 -17.07
C LYS B 172 10.91 -6.51 -16.90
N TYR B 173 11.85 -6.14 -17.77
CA TYR B 173 12.43 -4.78 -17.81
C TYR B 173 11.46 -3.69 -18.29
N LEU B 174 10.25 -4.08 -18.67
CA LEU B 174 9.24 -3.14 -19.13
C LEU B 174 8.70 -2.33 -17.97
N PHE B 175 8.18 -3.07 -16.99
CA PHE B 175 7.53 -2.50 -15.85
C PHE B 175 8.58 -2.11 -14.80
N ASP B 176 8.23 -1.09 -14.03
CA ASP B 176 9.01 -0.71 -12.89
C ASP B 176 8.35 -1.35 -11.63
N ASN B 177 9.13 -2.26 -11.01
CA ASN B 177 8.62 -3.09 -9.91
C ASN B 177 8.48 -2.29 -8.60
N ARG B 178 8.78 -0.98 -8.58
CA ARG B 178 8.44 -0.24 -7.35
C ARG B 178 6.93 -0.17 -7.08
N TYR B 179 6.10 -0.20 -8.12
CA TYR B 179 4.65 -0.25 -7.87
CA TYR B 179 4.65 -0.19 -8.09
C TYR B 179 4.07 -1.63 -8.08
N GLY B 180 4.93 -2.64 -8.13
CA GLY B 180 4.51 -4.03 -8.01
C GLY B 180 4.90 -4.50 -6.65
N THR B 181 6.03 -5.20 -6.59
CA THR B 181 6.51 -5.74 -5.35
C THR B 181 6.77 -4.61 -4.36
N GLY B 182 7.29 -3.46 -4.84
CA GLY B 182 7.57 -2.40 -3.84
C GLY B 182 6.36 -1.88 -3.10
N GLN B 183 5.37 -1.41 -3.84
CA GLN B 183 4.17 -0.83 -3.25
C GLN B 183 3.42 -1.86 -2.43
N SER B 184 3.28 -3.10 -2.94
CA SER B 184 2.57 -4.13 -2.17
C SER B 184 3.31 -4.51 -0.86
N THR B 185 4.64 -4.57 -0.90
CA THR B 185 5.44 -4.80 0.29
C THR B 185 5.27 -3.68 1.36
N TRP B 186 5.39 -2.41 0.93
CA TRP B 186 5.23 -1.32 1.87
C TRP B 186 3.81 -1.16 2.38
N ASP B 187 2.81 -1.43 1.54
CA ASP B 187 1.41 -1.45 2.00
C ASP B 187 1.20 -2.49 3.07
N ALA B 188 1.81 -3.67 2.92
CA ALA B 188 1.67 -4.71 3.91
C ALA B 188 2.35 -4.31 5.22
N ILE B 189 3.56 -3.79 5.10
CA ILE B 189 4.30 -3.30 6.29
C ILE B 189 3.50 -2.21 7.06
N MET B 190 3.02 -1.23 6.31
CA MET B 190 2.18 -0.16 6.86
C MET B 190 0.91 -0.69 7.52
N ARG B 191 0.20 -1.64 6.86
CA ARG B 191 -0.95 -2.29 7.48
CA ARG B 191 -0.94 -2.30 7.47
C ARG B 191 -0.63 -3.04 8.78
N ASN B 192 0.45 -3.76 8.81
CA ASN B 192 0.78 -4.62 9.95
C ASN B 192 1.34 -3.82 11.13
N THR B 193 1.93 -2.67 10.85
CA THR B 193 2.69 -1.89 11.89
C THR B 193 2.11 -0.52 12.20
N ASN B 194 1.47 0.13 11.21
CA ASN B 194 0.98 1.52 11.31
C ASN B 194 2.18 2.50 11.56
N LEU B 195 3.39 2.09 11.21
CA LEU B 195 4.58 2.94 11.42
C LEU B 195 4.93 3.78 10.21
N LEU B 196 5.48 4.95 10.47
CA LEU B 196 5.96 5.85 9.46
C LEU B 196 7.17 5.28 8.75
N VAL B 197 7.22 5.41 7.43
CA VAL B 197 8.37 5.04 6.66
C VAL B 197 9.27 6.26 6.41
N ALA B 198 8.66 7.43 6.21
CA ALA B 198 9.42 8.68 5.94
C ALA B 198 10.42 8.92 7.10
N GLY B 199 11.61 9.28 6.75
CA GLY B 199 12.60 9.68 7.76
C GLY B 199 13.18 8.52 8.53
N LYS B 200 12.97 7.28 8.06
CA LYS B 200 13.47 6.05 8.68
C LYS B 200 14.62 5.49 7.87
N ASN B 201 15.46 4.70 8.56
CA ASN B 201 16.48 3.90 7.89
C ASN B 201 15.96 2.53 7.49
N VAL B 202 15.91 2.31 6.20
CA VAL B 202 15.40 1.07 5.64
C VAL B 202 16.54 0.32 4.99
N VAL B 203 16.76 -0.92 5.41
CA VAL B 203 17.77 -1.79 4.82
C VAL B 203 17.12 -2.85 3.94
N VAL B 204 17.56 -2.95 2.70
CA VAL B 204 17.09 -3.95 1.79
C VAL B 204 18.26 -4.89 1.45
N ALA B 205 18.07 -6.17 1.73
CA ALA B 205 19.06 -7.21 1.43
C ALA B 205 18.75 -7.84 0.10
N GLY B 206 19.56 -7.52 -0.90
CA GLY B 206 19.39 -8.01 -2.28
C GLY B 206 18.83 -6.89 -3.13
N TYR B 207 19.42 -6.68 -4.29
CA TYR B 207 19.09 -5.57 -5.21
C TYR B 207 18.80 -6.09 -6.60
N GLY B 208 18.03 -7.19 -6.64
CA GLY B 208 17.53 -7.73 -7.89
C GLY B 208 16.18 -7.08 -8.17
N TRP B 209 15.40 -7.74 -9.00
CA TRP B 209 14.06 -7.22 -9.40
C TRP B 209 13.17 -6.88 -8.22
N CYS B 210 13.11 -7.78 -7.26
CA CYS B 210 12.32 -7.58 -6.07
CA CYS B 210 12.29 -7.54 -6.05
C CYS B 210 12.88 -6.46 -5.16
N GLY B 211 14.15 -6.62 -4.77
CA GLY B 211 14.73 -5.68 -3.84
C GLY B 211 14.86 -4.26 -4.36
N ARG B 212 15.17 -4.10 -5.62
CA ARG B 212 15.27 -2.75 -6.22
C ARG B 212 13.86 -2.07 -6.15
N GLY B 213 12.82 -2.82 -6.48
CA GLY B 213 11.46 -2.26 -6.35
C GLY B 213 11.12 -1.80 -4.94
N ILE B 214 11.45 -2.64 -3.95
CA ILE B 214 11.24 -2.35 -2.55
C ILE B 214 12.04 -1.11 -2.14
N ALA B 215 13.28 -1.06 -2.57
CA ALA B 215 14.16 0.11 -2.26
C ALA B 215 13.65 1.39 -2.88
N LEU B 216 13.30 1.34 -4.16
CA LEU B 216 12.79 2.58 -4.82
C LEU B 216 11.50 3.07 -4.20
N ARG B 217 10.60 2.15 -3.85
CA ARG B 217 9.36 2.56 -3.22
CA ARG B 217 9.35 2.56 -3.22
C ARG B 217 9.64 3.18 -1.84
N ALA B 218 10.53 2.56 -1.05
CA ALA B 218 10.86 3.13 0.26
C ALA B 218 11.41 4.58 0.11
N ALA B 219 12.28 4.80 -0.85
CA ALA B 219 12.84 6.16 -1.11
C ALA B 219 11.73 7.09 -1.51
N GLY B 220 10.78 6.60 -2.33
CA GLY B 220 9.57 7.37 -2.63
C GLY B 220 8.68 7.74 -1.45
N LEU B 221 8.68 6.91 -0.41
CA LEU B 221 7.99 7.19 0.80
C LEU B 221 8.79 8.06 1.78
N GLY B 222 10.02 8.40 1.41
CA GLY B 222 10.84 9.33 2.23
C GLY B 222 11.84 8.65 3.15
N ALA B 223 12.04 7.34 2.97
CA ALA B 223 13.03 6.62 3.77
C ALA B 223 14.43 6.90 3.23
N ARG B 224 15.40 6.78 4.14
CA ARG B 224 16.80 6.69 3.75
C ARG B 224 17.09 5.22 3.55
N VAL B 225 17.48 4.85 2.33
CA VAL B 225 17.64 3.43 1.97
C VAL B 225 19.10 2.98 1.91
N ILE B 226 19.37 1.88 2.58
CA ILE B 226 20.65 1.21 2.61
C ILE B 226 20.44 -0.15 1.95
N VAL B 227 21.34 -0.54 1.08
CA VAL B 227 21.24 -1.79 0.34
C VAL B 227 22.41 -2.68 0.71
N THR B 228 22.12 -3.95 0.97
CA THR B 228 23.19 -4.96 1.09
C THR B 228 23.20 -5.87 -0.11
N GLU B 229 24.36 -6.40 -0.48
CA GLU B 229 24.51 -7.20 -1.68
C GLU B 229 25.72 -8.10 -1.55
N VAL B 230 25.76 -9.11 -2.37
CA VAL B 230 26.96 -9.94 -2.58
C VAL B 230 27.49 -9.83 -3.99
N ASP B 231 26.70 -9.21 -4.90
CA ASP B 231 27.13 -9.09 -6.32
C ASP B 231 27.61 -7.66 -6.60
N PRO B 232 28.89 -7.48 -6.98
CA PRO B 232 29.36 -6.09 -7.11
C PRO B 232 28.61 -5.27 -8.16
N VAL B 233 28.16 -5.93 -9.21
CA VAL B 233 27.36 -5.21 -10.26
C VAL B 233 26.09 -4.62 -9.69
N LYS B 234 25.38 -5.42 -8.90
CA LYS B 234 24.17 -4.99 -8.25
CA LYS B 234 24.16 -4.95 -8.30
C LYS B 234 24.40 -3.86 -7.24
N ALA B 235 25.51 -3.97 -6.50
CA ALA B 235 25.86 -2.93 -5.53
C ALA B 235 26.12 -1.60 -6.25
N VAL B 236 26.84 -1.63 -7.38
CA VAL B 236 27.09 -0.41 -8.15
C VAL B 236 25.75 0.17 -8.64
N GLU B 237 24.85 -0.72 -9.07
CA GLU B 237 23.51 -0.25 -9.48
C GLU B 237 22.81 0.52 -8.38
N ALA B 238 22.80 -0.02 -7.17
CA ALA B 238 22.22 0.60 -6.01
C ALA B 238 22.81 1.98 -5.74
N ILE B 239 24.13 2.07 -5.81
CA ILE B 239 24.84 3.37 -5.69
C ILE B 239 24.39 4.37 -6.70
N MET B 240 24.29 3.94 -7.96
CA MET B 240 23.89 4.82 -9.05
C MET B 240 22.41 5.23 -9.00
N ASP B 241 21.63 4.50 -8.22
CA ASP B 241 20.24 4.84 -7.88
C ASP B 241 20.10 5.81 -6.72
N GLY B 242 21.22 6.09 -6.05
CA GLY B 242 21.26 7.08 -4.97
C GLY B 242 21.22 6.47 -3.58
N PHE B 243 21.44 5.16 -3.46
CA PHE B 243 21.39 4.49 -2.17
C PHE B 243 22.79 4.28 -1.56
N THR B 244 22.78 4.01 -0.27
CA THR B 244 23.99 3.65 0.43
C THR B 244 24.16 2.15 0.41
N VAL B 245 25.37 1.67 0.20
CA VAL B 245 25.63 0.26 0.24
C VAL B 245 26.67 0.00 1.32
N MET B 246 26.41 -1.02 2.13
CA MET B 246 27.38 -1.45 3.16
C MET B 246 27.10 -2.86 3.57
N PRO B 247 28.00 -3.46 4.36
CA PRO B 247 27.76 -4.83 4.80
C PRO B 247 26.60 -4.89 5.78
N MET B 248 25.88 -6.02 5.82
CA MET B 248 24.75 -6.14 6.76
C MET B 248 25.18 -5.88 8.17
N LYS B 249 26.38 -6.34 8.54
CA LYS B 249 26.87 -6.13 9.91
C LYS B 249 26.83 -4.69 10.37
N GLU B 250 27.06 -3.78 9.44
CA GLU B 250 27.00 -2.34 9.75
CA GLU B 250 27.00 -2.33 9.77
C GLU B 250 25.58 -1.80 9.62
N ALA B 251 24.86 -2.28 8.62
CA ALA B 251 23.53 -1.75 8.27
C ALA B 251 22.56 -2.03 9.41
N VAL B 252 22.70 -3.19 10.04
CA VAL B 252 21.78 -3.53 11.14
C VAL B 252 21.90 -2.58 12.33
N LYS B 253 23.04 -1.94 12.48
CA LYS B 253 23.24 -1.05 13.60
C LYS B 253 22.32 0.15 13.59
N ILE B 254 21.89 0.55 12.38
CA ILE B 254 21.07 1.76 12.25
C ILE B 254 19.68 1.50 11.67
N ALA B 255 19.42 0.27 11.31
CA ALA B 255 18.14 -0.08 10.61
C ALA B 255 16.89 0.12 11.48
N ASP B 256 15.87 0.76 10.94
CA ASP B 256 14.53 0.77 11.50
CA ASP B 256 14.55 0.75 11.51
C ASP B 256 13.69 -0.39 10.94
N PHE B 257 13.86 -0.64 9.65
CA PHE B 257 13.30 -1.77 8.93
C PHE B 257 14.44 -2.54 8.24
N VAL B 258 14.38 -3.87 8.26
CA VAL B 258 15.22 -4.70 7.42
C VAL B 258 14.32 -5.61 6.60
N ILE B 259 14.42 -5.49 5.29
CA ILE B 259 13.60 -6.26 4.34
C ILE B 259 14.50 -7.17 3.52
N THR B 260 14.27 -8.45 3.59
CA THR B 260 15.08 -9.41 2.86
C THR B 260 14.44 -9.73 1.49
N ALA B 261 15.24 -9.65 0.42
CA ALA B 261 14.78 -9.89 -0.93
C ALA B 261 15.86 -10.59 -1.75
N SER B 262 16.48 -11.60 -1.13
CA SER B 262 17.66 -12.25 -1.74
C SER B 262 17.49 -13.58 -2.46
N GLY B 263 16.47 -14.35 -2.06
CA GLY B 263 16.36 -15.74 -2.46
C GLY B 263 17.38 -16.65 -1.79
N ASN B 264 18.01 -16.17 -0.71
CA ASN B 264 19.09 -16.95 -0.03
C ASN B 264 18.67 -17.30 1.37
N THR B 265 19.55 -17.96 2.09
CA THR B 265 19.29 -18.38 3.45
C THR B 265 20.16 -17.53 4.40
N ASP B 266 19.63 -17.24 5.57
CA ASP B 266 20.40 -16.71 6.71
C ASP B 266 21.05 -15.38 6.36
N VAL B 267 20.23 -14.48 5.82
CA VAL B 267 20.73 -13.21 5.43
C VAL B 267 21.04 -12.32 6.65
N LEU B 268 20.42 -12.62 7.77
CA LEU B 268 20.88 -12.14 9.07
C LEU B 268 21.50 -13.30 9.86
N SER B 269 22.64 -13.04 10.47
CA SER B 269 23.24 -13.95 11.45
C SER B 269 22.74 -13.62 12.85
N LYS B 270 23.02 -14.50 13.76
CA LYS B 270 22.78 -14.25 15.17
C LYS B 270 23.44 -12.95 15.64
N GLU B 271 24.68 -12.73 15.23
CA GLU B 271 25.40 -11.51 15.59
C GLU B 271 24.74 -10.25 14.99
N ASP B 272 24.24 -10.33 13.77
CA ASP B 272 23.46 -9.23 13.17
C ASP B 272 22.20 -8.92 14.01
N ILE B 273 21.51 -9.96 14.43
CA ILE B 273 20.27 -9.82 15.17
C ILE B 273 20.52 -9.12 16.51
N LEU B 274 21.61 -9.51 17.15
CA LEU B 274 22.00 -8.90 18.43
C LEU B 274 22.48 -7.43 18.29
N SER B 275 22.75 -6.97 17.08
CA SER B 275 23.09 -5.58 16.81
C SER B 275 21.91 -4.68 16.44
N LEU B 276 20.76 -5.25 16.20
CA LEU B 276 19.57 -4.47 15.86
C LEU B 276 19.18 -3.54 16.97
N LYS B 277 18.63 -2.38 16.62
CA LYS B 277 18.05 -1.46 17.58
C LYS B 277 16.78 -2.03 18.22
N ASP B 278 16.49 -1.63 19.44
CA ASP B 278 15.25 -1.96 20.10
C ASP B 278 14.14 -1.41 19.22
N GLY B 279 13.14 -2.24 18.94
CA GLY B 279 12.06 -1.88 18.03
C GLY B 279 12.20 -2.03 16.53
N ALA B 280 13.35 -2.52 16.03
CA ALA B 280 13.53 -2.81 14.64
C ALA B 280 12.46 -3.77 14.15
N VAL B 281 12.04 -3.55 12.93
CA VAL B 281 11.03 -4.35 12.28
C VAL B 281 11.65 -5.13 11.13
N LEU B 282 11.40 -6.43 11.08
CA LEU B 282 12.02 -7.32 10.11
C LEU B 282 10.94 -7.94 9.22
N ALA B 283 11.19 -7.99 7.92
CA ALA B 283 10.23 -8.60 6.99
C ALA B 283 10.93 -9.23 5.83
N ASN B 284 10.28 -10.26 5.30
CA ASN B 284 10.81 -11.00 4.15
C ASN B 284 9.91 -10.86 2.93
N ALA B 285 10.53 -10.62 1.82
CA ALA B 285 9.84 -10.67 0.51
C ALA B 285 10.26 -11.81 -0.39
N GLY B 286 11.25 -12.60 0.02
CA GLY B 286 11.62 -13.86 -0.73
C GLY B 286 10.66 -15.01 -0.64
N HIS B 287 10.88 -16.03 -1.48
CA HIS B 287 9.98 -17.21 -1.57
C HIS B 287 9.87 -18.02 -0.28
N PHE B 288 11.02 -18.27 0.35
CA PHE B 288 11.06 -19.20 1.49
C PHE B 288 11.27 -18.35 2.73
N ASN B 289 10.89 -18.95 3.87
CA ASN B 289 10.97 -18.28 5.17
C ASN B 289 12.32 -18.44 5.93
N VAL B 290 13.40 -18.69 5.20
CA VAL B 290 14.72 -18.91 5.81
C VAL B 290 15.66 -17.70 5.61
N GLU B 291 15.21 -16.65 4.94
CA GLU B 291 16.06 -15.50 4.70
C GLU B 291 16.37 -14.82 6.02
N ILE B 292 15.32 -14.48 6.73
CA ILE B 292 15.36 -14.12 8.14
C ILE B 292 15.31 -15.46 8.87
N PRO B 293 16.32 -15.70 9.71
CA PRO B 293 16.46 -17.00 10.38
C PRO B 293 15.47 -17.14 11.57
N VAL B 294 14.23 -17.48 11.26
CA VAL B 294 13.17 -17.52 12.27
C VAL B 294 13.57 -18.50 13.38
N ARG B 295 14.18 -19.64 13.00
CA ARG B 295 14.61 -20.59 14.03
C ARG B 295 15.66 -20.05 15.00
N VAL B 296 16.58 -19.24 14.49
CA VAL B 296 17.53 -18.51 15.31
C VAL B 296 16.82 -17.55 16.27
N LEU B 297 15.88 -16.73 15.77
CA LEU B 297 15.06 -15.90 16.67
C LEU B 297 14.38 -16.68 17.78
N GLU B 298 13.73 -17.78 17.40
CA GLU B 298 13.02 -18.63 18.34
C GLU B 298 13.97 -19.20 19.40
N GLU B 299 15.17 -19.59 18.99
CA GLU B 299 16.19 -20.20 19.87
C GLU B 299 16.81 -19.18 20.85
N ILE B 300 17.20 -18.00 20.37
CA ILE B 300 17.91 -17.01 21.23
C ILE B 300 17.02 -16.09 22.05
N ALA B 301 15.77 -15.91 21.65
CA ALA B 301 14.84 -15.04 22.37
C ALA B 301 14.62 -15.48 23.81
N VAL B 302 14.64 -14.51 24.73
CA VAL B 302 14.27 -14.72 26.14
C VAL B 302 12.74 -14.80 26.29
N GLU B 303 12.02 -13.97 25.55
CA GLU B 303 10.56 -13.96 25.54
C GLU B 303 10.12 -13.79 24.09
N LYS B 304 8.97 -14.38 23.76
CA LYS B 304 8.33 -14.23 22.46
C LYS B 304 6.84 -13.95 22.74
N PHE B 305 6.22 -13.04 22.00
CA PHE B 305 4.82 -12.66 22.23
C PHE B 305 4.26 -12.12 20.93
N GLU B 306 2.92 -12.13 20.82
CA GLU B 306 2.31 -11.56 19.61
C GLU B 306 2.01 -10.10 19.99
N ALA B 307 2.68 -9.20 19.28
CA ALA B 307 2.62 -7.77 19.58
C ALA B 307 1.33 -7.18 19.04
N ARG B 308 0.97 -7.61 17.85
CA ARG B 308 -0.29 -7.28 17.20
C ARG B 308 -0.51 -8.31 16.10
N PRO B 309 -1.67 -8.25 15.40
CA PRO B 309 -1.85 -9.31 14.38
C PRO B 309 -0.71 -9.26 13.31
N ASN B 310 -0.15 -10.43 13.07
CA ASN B 310 0.93 -10.61 12.09
C ASN B 310 2.30 -10.08 12.52
N VAL B 311 2.47 -9.77 13.80
CA VAL B 311 3.72 -9.13 14.33
C VAL B 311 4.12 -9.90 15.57
N THR B 312 5.27 -10.57 15.48
CA THR B 312 5.79 -11.30 16.64
C THR B 312 6.94 -10.50 17.24
N GLY B 313 6.86 -10.24 18.53
CA GLY B 313 7.94 -9.66 19.31
C GLY B 313 8.88 -10.73 19.82
N TYR B 314 10.17 -10.51 19.65
CA TYR B 314 11.21 -11.36 20.25
C TYR B 314 12.11 -10.51 21.15
N THR B 315 12.11 -10.80 22.44
CA THR B 315 12.93 -10.06 23.38
C THR B 315 14.21 -10.87 23.55
N LEU B 316 15.34 -10.23 23.31
CA LEU B 316 16.65 -10.87 23.23
C LEU B 316 17.40 -10.77 24.57
N GLU B 317 18.51 -11.52 24.65
CA GLU B 317 19.39 -11.55 25.85
C GLU B 317 19.99 -10.17 26.17
N ASN B 318 20.15 -9.32 25.15
CA ASN B 318 20.57 -7.91 25.33
C ASN B 318 19.46 -6.92 25.80
N GLY B 319 18.27 -7.45 26.09
CA GLY B 319 17.18 -6.67 26.62
C GLY B 319 16.33 -6.00 25.57
N LYS B 320 16.79 -6.02 24.33
CA LYS B 320 16.08 -5.35 23.23
C LYS B 320 15.03 -6.29 22.66
N THR B 321 14.01 -5.68 22.04
CA THR B 321 12.90 -6.43 21.42
C THR B 321 12.87 -6.09 19.96
N VAL B 322 12.88 -7.13 19.12
CA VAL B 322 12.73 -6.94 17.69
C VAL B 322 11.44 -7.58 17.22
N PHE B 323 10.89 -7.04 16.13
CA PHE B 323 9.58 -7.48 15.61
C PHE B 323 9.67 -8.10 14.22
N LEU B 324 9.06 -9.27 14.11
CA LEU B 324 9.04 -9.99 12.85
C LEU B 324 7.62 -9.99 12.29
N LEU B 325 7.51 -9.62 11.01
CA LEU B 325 6.23 -9.67 10.31
C LEU B 325 6.00 -11.03 9.64
N ALA B 326 4.74 -11.48 9.76
CA ALA B 326 4.23 -12.64 9.06
C ALA B 326 5.07 -13.91 9.25
N GLU B 327 5.64 -14.11 10.45
CA GLU B 327 6.48 -15.29 10.74
C GLU B 327 7.64 -15.47 9.76
N GLY B 328 8.13 -14.38 9.16
CA GLY B 328 9.21 -14.40 8.21
C GLY B 328 8.83 -14.90 6.81
N ARG B 329 7.53 -15.14 6.59
CA ARG B 329 7.04 -15.52 5.27
C ARG B 329 6.91 -14.25 4.42
N LEU B 330 6.85 -14.45 3.12
CA LEU B 330 6.61 -13.44 2.13
C LEU B 330 5.42 -12.54 2.58
N VAL B 331 5.67 -11.22 2.64
CA VAL B 331 4.73 -10.30 3.29
CA VAL B 331 4.82 -10.24 3.30
C VAL B 331 3.65 -9.67 2.43
N ASN B 332 3.81 -9.65 1.12
CA ASN B 332 3.07 -8.72 0.20
C ASN B 332 1.96 -9.26 -0.67
N LEU B 333 1.58 -10.52 -0.48
CA LEU B 333 0.60 -11.12 -1.43
C LEU B 333 -0.78 -11.32 -0.83
N ALA B 334 -0.87 -11.27 0.50
CA ALA B 334 -2.13 -11.54 1.22
C ALA B 334 -3.27 -10.62 0.83
N ALA B 335 -2.97 -9.33 0.55
CA ALA B 335 -4.03 -8.38 0.13
C ALA B 335 -4.48 -8.57 -1.31
N GLY B 336 -3.78 -9.40 -2.08
CA GLY B 336 -4.21 -9.71 -3.43
C GLY B 336 -3.79 -8.64 -4.43
N ASP B 337 -2.87 -7.75 -4.03
CA ASP B 337 -2.43 -6.64 -4.91
C ASP B 337 -0.92 -6.65 -5.13
N GLY B 338 -0.34 -7.84 -5.29
CA GLY B 338 1.10 -7.97 -5.53
C GLY B 338 1.63 -7.24 -6.74
N HIS B 339 0.84 -7.29 -7.83
CA HIS B 339 1.10 -6.56 -9.06
CA HIS B 339 1.12 -6.62 -9.07
C HIS B 339 -0.24 -6.08 -9.62
N PRO B 340 -0.19 -5.02 -10.44
CA PRO B 340 -1.41 -4.53 -11.16
C PRO B 340 -1.98 -5.60 -12.09
N VAL B 341 -3.28 -5.51 -12.31
CA VAL B 341 -3.97 -6.49 -13.17
C VAL B 341 -3.30 -6.67 -14.51
N GLU B 342 -3.02 -5.55 -15.17
CA GLU B 342 -2.51 -5.63 -16.57
C GLU B 342 -1.10 -6.18 -16.64
N ILE B 343 -0.33 -5.98 -15.58
CA ILE B 343 0.99 -6.64 -15.51
C ILE B 343 0.86 -8.16 -15.39
N MET B 344 -0.08 -8.62 -14.52
CA MET B 344 -0.30 -10.08 -14.40
C MET B 344 -0.87 -10.65 -15.69
N ASP B 345 -1.68 -9.87 -16.40
CA ASP B 345 -2.22 -10.27 -17.69
C ASP B 345 -1.05 -10.56 -18.62
N LEU B 346 -0.07 -9.64 -18.68
CA LEU B 346 1.15 -9.88 -19.49
C LEU B 346 1.93 -11.13 -19.08
N SER B 347 2.17 -11.26 -17.80
CA SER B 347 2.92 -12.37 -17.27
C SER B 347 2.19 -13.72 -17.59
N PHE B 348 0.90 -13.71 -17.34
CA PHE B 348 0.07 -14.92 -17.58
C PHE B 348 0.01 -15.27 -19.04
N ALA B 349 -0.08 -14.27 -19.90
CA ALA B 349 0.02 -14.53 -21.34
C ALA B 349 1.30 -15.22 -21.73
N LEU B 350 2.42 -14.75 -21.17
CA LEU B 350 3.69 -15.38 -21.46
C LEU B 350 3.66 -16.86 -20.99
N GLN B 351 3.06 -17.07 -19.82
CA GLN B 351 2.99 -18.44 -19.25
CA GLN B 351 3.04 -18.43 -19.23
C GLN B 351 2.12 -19.36 -20.05
N ILE B 352 0.96 -18.86 -20.51
CA ILE B 352 0.07 -19.68 -21.35
C ILE B 352 0.80 -20.07 -22.64
N PHE B 353 1.47 -19.11 -23.27
CA PHE B 353 2.18 -19.42 -24.50
C PHE B 353 3.38 -20.35 -24.21
N ALA B 354 4.02 -20.25 -23.04
CA ALA B 354 5.04 -21.21 -22.68
C ALA B 354 4.46 -22.65 -22.63
N VAL B 355 3.31 -22.78 -22.00
CA VAL B 355 2.63 -24.10 -21.96
C VAL B 355 2.31 -24.58 -23.36
N LEU B 356 1.75 -23.72 -24.19
CA LEU B 356 1.43 -24.10 -25.59
C LEU B 356 2.68 -24.46 -26.39
N TYR B 357 3.81 -23.81 -26.09
CA TYR B 357 5.08 -24.12 -26.75
C TYR B 357 5.58 -25.46 -26.32
N LEU B 358 5.42 -25.77 -25.02
CA LEU B 358 5.77 -27.10 -24.50
C LEU B 358 4.85 -28.15 -25.10
N LEU B 359 3.58 -27.84 -25.22
CA LEU B 359 2.63 -28.81 -25.84
C LEU B 359 3.09 -29.20 -27.25
N GLU B 360 3.46 -28.18 -28.03
CA GLU B 360 3.90 -28.37 -29.41
C GLU B 360 5.30 -29.02 -29.53
N ASN B 361 6.23 -28.65 -28.63
CA ASN B 361 7.66 -28.93 -28.86
C ASN B 361 8.35 -29.82 -27.89
N HIS B 362 7.66 -30.32 -26.88
CA HIS B 362 8.35 -31.02 -25.79
C HIS B 362 9.11 -32.27 -26.24
N ARG B 363 8.55 -33.00 -27.20
CA ARG B 363 9.24 -34.19 -27.74
C ARG B 363 10.63 -33.86 -28.32
N LYS B 364 10.80 -32.64 -28.78
CA LYS B 364 12.05 -32.13 -29.35
C LYS B 364 13.00 -31.44 -28.34
N MET B 365 12.58 -31.24 -27.09
CA MET B 365 13.38 -30.51 -26.09
C MET B 365 14.12 -31.43 -25.13
N SER B 366 15.33 -31.04 -24.74
CA SER B 366 16.08 -31.75 -23.68
C SER B 366 15.51 -31.44 -22.26
N PRO B 367 15.84 -32.30 -21.26
CA PRO B 367 15.50 -32.02 -19.85
C PRO B 367 16.47 -30.97 -19.24
N LYS B 368 16.25 -29.74 -19.66
CA LYS B 368 17.11 -28.57 -19.39
C LYS B 368 16.21 -27.41 -19.03
N VAL B 369 16.79 -26.39 -18.42
CA VAL B 369 16.05 -25.15 -18.21
C VAL B 369 16.35 -24.26 -19.43
N TYR B 370 15.32 -23.95 -20.18
CA TYR B 370 15.37 -23.05 -21.33
C TYR B 370 14.95 -21.63 -20.99
N MET B 371 15.63 -20.65 -21.58
CA MET B 371 15.18 -19.25 -21.56
CA MET B 371 15.15 -19.28 -21.49
C MET B 371 13.87 -19.18 -22.30
N LEU B 372 13.00 -18.23 -21.94
CA LEU B 372 11.72 -18.05 -22.64
C LEU B 372 12.02 -17.82 -24.12
N PRO B 373 11.40 -18.61 -25.03
CA PRO B 373 11.70 -18.32 -26.43
C PRO B 373 11.36 -16.90 -26.86
N ASP B 374 12.28 -16.28 -27.60
CA ASP B 374 12.08 -14.91 -28.01
C ASP B 374 10.76 -14.71 -28.77
N GLU B 375 10.37 -15.73 -29.56
CA GLU B 375 9.09 -15.68 -30.30
C GLU B 375 7.88 -15.44 -29.38
N ILE B 376 7.97 -15.91 -28.15
CA ILE B 376 6.85 -15.74 -27.20
C ILE B 376 6.78 -14.30 -26.71
N ASP B 377 7.92 -13.73 -26.36
CA ASP B 377 7.95 -12.29 -25.99
C ASP B 377 7.39 -11.40 -27.12
N GLU B 378 7.77 -11.70 -28.36
CA GLU B 378 7.34 -10.90 -29.50
C GLU B 378 5.86 -11.10 -29.76
N ARG B 379 5.38 -12.34 -29.59
CA ARG B 379 3.94 -12.63 -29.73
CA ARG B 379 3.96 -12.64 -29.74
C ARG B 379 3.14 -11.82 -28.77
N VAL B 380 3.51 -11.88 -27.51
CA VAL B 380 2.79 -11.18 -26.49
C VAL B 380 2.91 -9.63 -26.64
N ALA B 381 4.10 -9.16 -27.00
CA ALA B 381 4.21 -7.67 -27.27
C ALA B 381 3.28 -7.27 -28.41
N ARG B 382 3.27 -8.03 -29.50
CA ARG B 382 2.38 -7.69 -30.62
CA ARG B 382 2.38 -7.71 -30.63
C ARG B 382 0.91 -7.72 -30.21
N MET B 383 0.50 -8.73 -29.46
N MET B 383 0.52 -8.74 -29.44
CA MET B 383 -0.90 -8.78 -29.00
CA MET B 383 -0.86 -8.79 -28.93
C MET B 383 -1.21 -7.58 -28.10
C MET B 383 -1.20 -7.56 -28.10
N LYS B 384 -0.26 -7.13 -27.27
CA LYS B 384 -0.47 -5.93 -26.46
C LYS B 384 -0.67 -4.67 -27.31
N LEU B 385 0.18 -4.52 -28.33
CA LEU B 385 0.00 -3.39 -29.25
C LEU B 385 -1.33 -3.43 -29.92
N ASP B 386 -1.72 -4.61 -30.40
CA ASP B 386 -3.00 -4.74 -31.11
C ASP B 386 -4.17 -4.37 -30.18
N SER B 387 -4.08 -4.80 -28.92
CA SER B 387 -5.16 -4.54 -27.92
C SER B 387 -5.31 -3.04 -27.65
N LEU B 388 -4.19 -2.31 -27.79
CA LEU B 388 -4.17 -0.82 -27.65
C LEU B 388 -4.45 -0.05 -28.91
N GLY B 389 -4.56 -0.74 -30.04
CA GLY B 389 -4.80 -0.12 -31.35
C GLY B 389 -3.56 0.55 -31.94
N VAL B 390 -2.39 0.10 -31.54
CA VAL B 390 -1.11 0.72 -31.95
C VAL B 390 -0.59 -0.03 -33.16
N LYS B 391 -0.19 0.72 -34.18
CA LYS B 391 0.51 0.18 -35.33
C LYS B 391 1.95 0.70 -35.34
N ILE B 392 2.85 -0.13 -35.83
CA ILE B 392 4.28 0.19 -35.94
C ILE B 392 4.73 -0.02 -37.36
N ASP B 393 6.00 0.23 -37.62
CA ASP B 393 6.57 0.07 -38.95
C ASP B 393 7.01 -1.36 -39.17
N GLU B 394 7.20 -1.67 -40.44
CA GLU B 394 7.71 -2.97 -40.91
C GLU B 394 8.99 -2.66 -41.68
N LEU B 395 10.01 -3.49 -41.51
CA LEU B 395 11.24 -3.34 -42.26
C LEU B 395 10.99 -3.51 -43.75
N THR B 396 11.62 -2.68 -44.56
CA THR B 396 11.69 -2.96 -46.01
C THR B 396 12.70 -4.05 -46.34
N GLU B 397 12.63 -4.57 -47.56
CA GLU B 397 13.68 -5.49 -48.02
C GLU B 397 15.06 -4.83 -48.04
N LYS B 398 15.15 -3.59 -48.48
CA LYS B 398 16.42 -2.84 -48.47
C LYS B 398 17.00 -2.80 -47.05
N GLN B 399 16.13 -2.44 -46.10
CA GLN B 399 16.53 -2.43 -44.67
C GLN B 399 16.95 -3.79 -44.16
N ARG B 400 16.22 -4.85 -44.49
CA ARG B 400 16.66 -6.18 -44.06
CA ARG B 400 16.64 -6.23 -44.13
C ARG B 400 18.04 -6.57 -44.60
N ARG B 401 18.31 -6.29 -45.87
N ARG B 401 18.28 -6.31 -45.90
CA ARG B 401 19.62 -6.56 -46.43
CA ARG B 401 19.57 -6.48 -46.53
C ARG B 401 20.71 -5.67 -45.86
C ARG B 401 20.63 -5.73 -45.76
N TYR B 402 20.33 -4.45 -45.47
CA TYR B 402 21.29 -3.52 -44.87
C TYR B 402 21.72 -4.07 -43.52
N LEU B 403 20.74 -4.52 -42.74
CA LEU B 403 21.05 -5.06 -41.41
C LEU B 403 21.85 -6.37 -41.43
N ARG B 404 21.78 -7.13 -42.51
CA ARG B 404 22.54 -8.37 -42.70
CA ARG B 404 22.62 -8.33 -42.57
C ARG B 404 23.90 -8.12 -43.36
N SER B 405 24.19 -6.85 -43.74
CA SER B 405 25.43 -6.49 -44.38
C SER B 405 26.45 -5.83 -43.41
N TRP B 406 27.70 -5.76 -43.86
CA TRP B 406 28.77 -5.09 -43.12
C TRP B 406 29.11 -3.68 -43.62
N GLN B 407 28.35 -3.09 -44.54
CA GLN B 407 28.81 -1.82 -45.18
C GLN B 407 30.34 -1.80 -45.57
O5' ADN C . 16.61 30.97 3.03
C5' ADN C . 16.36 29.67 2.48
C4' ADN C . 16.61 28.61 3.51
O4' ADN C . 18.00 28.59 3.85
C3' ADN C . 15.83 28.78 4.82
O3' ADN C . 15.06 27.61 5.06
C2' ADN C . 16.92 29.05 5.87
O2' ADN C . 16.64 28.46 7.13
C1' ADN C . 18.13 28.37 5.24
N9 ADN C . 19.44 28.85 5.66
C8 ADN C . 19.79 30.15 5.98
N7 ADN C . 21.04 30.28 6.37
C5 ADN C . 21.54 28.99 6.30
C6 ADN C . 22.82 28.45 6.56
N6 ADN C . 23.84 29.17 7.06
N1 ADN C . 23.00 27.13 6.34
C2 ADN C . 21.97 26.40 5.90
N3 ADN C . 20.71 26.79 5.65
C4 ADN C . 20.57 28.10 5.87
C1 MPD D . 8.11 21.10 12.09
C2 MPD D . 6.96 20.26 12.51
O2 MPD D . 7.33 18.90 12.29
CM MPD D . 6.69 20.43 14.01
C3 MPD D . 5.72 20.52 11.63
C4 MPD D . 5.00 21.88 11.72
O4 MPD D . 5.90 23.00 11.84
C5 MPD D . 4.14 22.13 10.47
PA NAI E . 17.44 -11.81 -8.15
O1A NAI E . 18.30 -12.99 -8.32
O2A NAI E . 17.14 -10.91 -9.32
O5B NAI E . 17.99 -10.85 -6.97
C5B NAI E . 18.35 -11.38 -5.70
C4B NAI E . 19.58 -10.61 -5.33
O4B NAI E . 19.97 -11.00 -4.00
C3B NAI E . 20.80 -10.82 -6.25
O3B NAI E . 21.24 -9.62 -6.85
C2B NAI E . 21.85 -11.42 -5.31
O2B NAI E . 23.20 -11.01 -5.56
C1B NAI E . 21.37 -10.89 -3.95
N9A NAI E . 21.82 -11.65 -2.80
C8A NAI E . 21.94 -13.01 -2.68
N7A NAI E . 22.33 -13.40 -1.50
C5A NAI E . 22.50 -12.23 -0.79
C6A NAI E . 22.92 -11.96 0.52
N6A NAI E . 23.34 -12.91 1.37
N1A NAI E . 22.97 -10.67 0.92
C2A NAI E . 22.62 -9.70 0.05
N3A NAI E . 22.21 -9.83 -1.21
C4A NAI E . 22.17 -11.14 -1.58
O3 NAI E . 16.04 -12.29 -7.54
PN NAI E . 14.60 -11.62 -7.51
O1N NAI E . 14.73 -10.16 -7.11
O2N NAI E . 13.88 -11.89 -8.80
O5D NAI E . 13.97 -12.48 -6.33
C5D NAI E . 14.39 -12.50 -4.94
C4D NAI E . 13.50 -13.44 -4.17
O4D NAI E . 12.17 -12.89 -4.13
C3D NAI E . 13.33 -14.86 -4.74
O3D NAI E . 13.10 -15.73 -3.64
C2D NAI E . 12.06 -14.71 -5.61
O2D NAI E . 11.43 -15.98 -5.83
C1D NAI E . 11.24 -13.80 -4.69
N1N NAI E . 10.20 -13.00 -5.31
C2N NAI E . 9.13 -12.57 -4.55
C3N NAI E . 8.14 -11.81 -5.06
C7N NAI E . 7.18 -11.10 -4.13
O7N NAI E . 6.15 -10.60 -4.59
N7N NAI E . 7.46 -11.02 -2.85
C4N NAI E . 8.05 -11.61 -6.54
C5N NAI E . 9.36 -11.84 -7.23
C6N NAI E . 10.34 -12.47 -6.62
CL CL F . 8.00 5.99 -5.88
CL CL F . 7.15 5.88 -5.07
CL CL G . 17.10 9.54 8.18
#